data_3WGQ
#
_entry.id   3WGQ
#
_cell.length_a   46.917
_cell.length_b   135.702
_cell.length_c   60.479
_cell.angle_alpha   90.00
_cell.angle_beta   110.43
_cell.angle_gamma   90.00
#
_symmetry.space_group_name_H-M   'P 1 21 1'
#
loop_
_entity.id
_entity.type
_entity.pdbx_description
1 polymer 'Meso-diaminopimelate dehydrogenase'
2 non-polymer '2,6-DIAMINOPIMELIC ACID'
3 water water
#
_entity_poly.entity_id   1
_entity_poly.type   'polypeptide(L)'
_entity_poly.pdbx_seq_one_letter_code
;MNSKIRIGIVGYGNIGKGVEKAIKQNDDMELEAIFTRRDINKVDSNNSKLVHISRLELYKDTVDVMILCGGSATDLVEQG
PMIASQFNTVDSFDNHGRIPQHFERMDEISKKAGNISLISTGWDPGLFSLNRLLGESILPKGKTHTFWGKGVSLGHSDAI
RRVQGVKNGIQYIIPIKGALDKARSGEQCDFTTREKHEMVCYVVPEENADLKKIEQDIKTMPDYFADYNTTVHFITEEEL
KLNHAGLSNGGFVIRSGNTQGGAKQVMEFNLNLESSAEFTSSVLVAYSRAIYKLSKEGKKGAVTVLDIPFSYLSPKTPEE
LRKELL
;
_entity_poly.pdbx_strand_id   A,B
#
# COMPACT_ATOMS: atom_id res chain seq x y z
N LYS A 4 18.19 19.53 8.04
CA LYS A 4 18.91 20.04 6.84
C LYS A 4 17.99 20.35 5.66
N ILE A 5 16.96 19.54 5.45
CA ILE A 5 16.02 19.82 4.36
C ILE A 5 15.23 21.04 4.81
N ARG A 6 15.32 22.13 4.04
CA ARG A 6 14.63 23.37 4.36
C ARG A 6 13.23 23.46 3.77
N ILE A 7 12.23 23.42 4.65
CA ILE A 7 10.84 23.47 4.22
C ILE A 7 10.17 24.82 4.37
N GLY A 8 9.39 25.17 3.36
CA GLY A 8 8.64 26.41 3.38
C GLY A 8 7.18 25.97 3.38
N ILE A 9 6.38 26.49 4.30
CA ILE A 9 4.97 26.12 4.36
C ILE A 9 4.17 27.25 3.74
N VAL A 10 3.35 26.92 2.75
CA VAL A 10 2.51 27.93 2.10
C VAL A 10 1.05 27.75 2.53
N GLY A 11 0.56 28.65 3.38
CA GLY A 11 -0.81 28.56 3.84
C GLY A 11 -0.79 28.03 5.27
N TYR A 12 -1.53 28.67 6.16
CA TYR A 12 -1.53 28.24 7.56
C TYR A 12 -2.90 27.87 8.11
N GLY A 13 -3.62 27.07 7.32
CA GLY A 13 -4.92 26.58 7.73
C GLY A 13 -4.64 25.32 8.53
N ASN A 14 -5.56 24.35 8.52
CA ASN A 14 -5.36 23.12 9.27
C ASN A 14 -4.20 22.27 8.76
N ILE A 15 -4.06 22.15 7.44
CA ILE A 15 -2.98 21.35 6.86
C ILE A 15 -1.63 22.00 7.17
N GLY A 16 -1.56 23.32 6.98
CA GLY A 16 -0.34 24.06 7.25
C GLY A 16 0.08 23.89 8.69
N LYS A 17 -0.87 24.01 9.62
CA LYS A 17 -0.56 23.84 11.03
C LYS A 17 -0.08 22.41 11.28
N GLY A 18 -0.71 21.46 10.61
CA GLY A 18 -0.31 20.07 10.76
C GLY A 18 1.10 19.81 10.23
N VAL A 19 1.46 20.51 9.16
CA VAL A 19 2.79 20.35 8.57
C VAL A 19 3.84 20.88 9.54
N GLU A 20 3.53 22.00 10.20
CA GLU A 20 4.44 22.59 11.17
C GLU A 20 4.74 21.61 12.29
N LYS A 21 3.72 20.89 12.75
CA LYS A 21 3.94 19.93 13.82
C LYS A 21 4.65 18.68 13.32
N ALA A 22 4.24 18.20 12.15
CA ALA A 22 4.85 17.01 11.58
C ALA A 22 6.34 17.20 11.32
N ILE A 23 6.74 18.41 10.94
CA ILE A 23 8.15 18.64 10.66
C ILE A 23 8.96 18.38 11.91
N LYS A 24 8.35 18.66 13.06
CA LYS A 24 9.00 18.45 14.33
C LYS A 24 9.25 16.96 14.62
N GLN A 25 8.50 16.09 13.94
CA GLN A 25 8.67 14.65 14.13
C GLN A 25 9.73 14.10 13.18
N ASN A 26 10.37 14.97 12.42
CA ASN A 26 11.40 14.58 11.45
C ASN A 26 12.71 15.33 11.69
N ASP A 27 13.70 14.62 12.21
CA ASP A 27 15.02 15.19 12.52
C ASP A 27 15.77 15.78 11.34
N ASP A 28 15.63 15.19 10.16
CA ASP A 28 16.35 15.67 8.98
C ASP A 28 15.70 16.89 8.34
N MET A 29 14.73 17.49 9.02
CA MET A 29 14.04 18.64 8.46
C MET A 29 13.95 19.89 9.33
N GLU A 30 13.88 21.02 8.65
CA GLU A 30 13.82 22.33 9.29
C GLU A 30 12.80 23.24 8.61
N LEU A 31 12.04 23.95 9.43
CA LEU A 31 11.03 24.87 8.90
C LEU A 31 11.64 26.26 8.73
N GLU A 32 11.73 26.72 7.48
CA GLU A 32 12.29 28.04 7.19
C GLU A 32 11.29 29.15 7.50
N ALA A 33 10.06 28.97 7.06
CA ALA A 33 9.04 29.99 7.27
C ALA A 33 7.65 29.49 6.89
N ILE A 34 6.64 30.19 7.39
CA ILE A 34 5.25 29.87 7.08
C ILE A 34 4.71 31.09 6.34
N PHE A 35 4.32 30.90 5.09
CA PHE A 35 3.82 32.00 4.27
C PHE A 35 2.30 32.13 4.30
N THR A 36 1.83 33.26 4.80
CA THR A 36 0.42 33.56 4.92
C THR A 36 -0.04 34.68 4.02
N ARG A 37 -1.31 34.64 3.64
CA ARG A 37 -1.88 35.67 2.81
C ARG A 37 -2.60 36.70 3.71
N ARG A 38 -2.45 36.53 5.03
CA ARG A 38 -3.06 37.48 5.98
C ARG A 38 -2.47 38.85 5.67
N ASP A 39 -3.26 39.90 5.86
CA ASP A 39 -2.82 41.26 5.55
C ASP A 39 -1.41 41.63 5.97
N ILE A 40 -0.67 42.18 5.01
CA ILE A 40 0.70 42.62 5.19
C ILE A 40 0.85 43.47 6.44
N ASN A 41 0.03 44.51 6.55
CA ASN A 41 0.05 45.43 7.69
C ASN A 41 0.22 44.73 9.04
N LYS A 42 -0.79 43.96 9.46
CA LYS A 42 -0.71 43.25 10.73
C LYS A 42 -1.29 41.85 10.57
N VAL A 43 -0.47 40.86 10.86
CA VAL A 43 -0.86 39.46 10.75
C VAL A 43 -1.41 38.99 12.09
N ASP A 44 -1.68 37.69 12.18
CA ASP A 44 -2.17 37.09 13.42
C ASP A 44 -0.93 36.98 14.30
N SER A 45 -0.40 38.12 14.72
CA SER A 45 0.81 38.17 15.54
C SER A 45 1.97 37.88 14.59
N ASN A 46 2.58 38.96 14.07
CA ASN A 46 3.70 38.86 13.13
C ASN A 46 4.91 38.07 13.62
N ASN A 47 4.77 37.39 14.75
CA ASN A 47 5.87 36.61 15.31
C ASN A 47 6.63 35.73 14.31
N SER A 48 7.96 35.83 14.39
CA SER A 48 8.89 35.10 13.54
C SER A 48 8.34 34.16 12.46
N LYS A 49 8.05 32.92 12.84
CA LYS A 49 7.57 31.91 11.91
C LYS A 49 6.69 32.38 10.76
N LEU A 50 5.61 33.10 11.07
CA LEU A 50 4.73 33.60 10.04
C LEU A 50 5.37 34.72 9.23
N VAL A 51 5.25 34.63 7.91
CA VAL A 51 5.81 35.61 7.00
C VAL A 51 4.79 35.90 5.89
N HIS A 52 4.70 37.16 5.48
CA HIS A 52 3.75 37.50 4.43
C HIS A 52 4.13 36.88 3.09
N ILE A 53 3.11 36.45 2.36
CA ILE A 53 3.29 35.80 1.06
C ILE A 53 4.07 36.63 0.06
N SER A 54 4.09 37.95 0.26
CA SER A 54 4.79 38.85 -0.63
C SER A 54 6.30 38.66 -0.58
N ARG A 55 6.79 38.14 0.55
CA ARG A 55 8.23 37.93 0.75
C ARG A 55 8.71 36.58 0.22
N LEU A 56 7.79 35.78 -0.30
CA LEU A 56 8.12 34.45 -0.82
C LEU A 56 9.39 34.45 -1.66
N GLU A 57 9.46 35.40 -2.61
CA GLU A 57 10.60 35.52 -3.51
C GLU A 57 11.95 35.62 -2.82
N LEU A 58 11.96 36.28 -1.66
CA LEU A 58 13.19 36.48 -0.90
C LEU A 58 13.82 35.21 -0.36
N TYR A 59 13.06 34.12 -0.32
CA TYR A 59 13.57 32.86 0.20
C TYR A 59 14.18 31.98 -0.88
N LYS A 60 14.42 32.56 -2.04
CA LYS A 60 15.02 31.84 -3.15
C LYS A 60 16.39 31.42 -2.64
N ASP A 61 16.70 30.14 -2.79
CA ASP A 61 17.97 29.57 -2.34
C ASP A 61 18.13 29.41 -0.82
N THR A 62 17.01 29.28 -0.12
CA THR A 62 17.05 29.06 1.33
C THR A 62 15.94 28.06 1.69
N VAL A 63 15.16 27.70 0.68
CA VAL A 63 14.07 26.74 0.83
C VAL A 63 14.21 25.63 -0.21
N ASP A 64 14.23 24.39 0.27
CA ASP A 64 14.39 23.24 -0.62
C ASP A 64 13.07 22.73 -1.19
N VAL A 65 12.03 22.78 -0.38
CA VAL A 65 10.71 22.35 -0.82
C VAL A 65 9.63 23.25 -0.25
N MET A 66 8.72 23.69 -1.11
CA MET A 66 7.60 24.51 -0.67
C MET A 66 6.41 23.57 -0.60
N ILE A 67 5.86 23.35 0.59
CA ILE A 67 4.70 22.49 0.71
C ILE A 67 3.47 23.39 0.66
N LEU A 68 2.67 23.22 -0.38
CA LEU A 68 1.47 24.04 -0.55
C LEU A 68 0.33 23.49 0.28
N CYS A 69 -0.09 24.27 1.28
CA CYS A 69 -1.16 23.86 2.17
C CYS A 69 -2.32 24.83 2.00
N GLY A 70 -2.69 25.08 0.75
CA GLY A 70 -3.79 25.99 0.48
C GLY A 70 -5.01 25.18 0.07
N GLY A 71 -5.54 24.41 1.01
CA GLY A 71 -6.70 23.58 0.75
C GLY A 71 -7.76 24.28 -0.09
N SER A 72 -7.73 24.00 -1.39
CA SER A 72 -8.70 24.61 -2.31
C SER A 72 -8.77 23.84 -3.62
N ALA A 73 -7.69 23.94 -4.40
CA ALA A 73 -7.56 23.29 -5.71
C ALA A 73 -7.79 24.36 -6.77
N THR A 74 -8.87 25.13 -6.61
CA THR A 74 -9.16 26.20 -7.56
C THR A 74 -8.05 27.23 -7.42
N ASP A 75 -7.66 27.52 -6.18
CA ASP A 75 -6.59 28.48 -5.93
C ASP A 75 -5.28 27.87 -6.42
N LEU A 76 -5.11 26.57 -6.18
CA LEU A 76 -3.90 25.87 -6.61
C LEU A 76 -3.66 25.95 -8.10
N VAL A 77 -4.74 25.99 -8.86
CA VAL A 77 -4.65 26.07 -10.31
C VAL A 77 -3.68 27.18 -10.72
N GLU A 78 -3.77 28.32 -10.04
CA GLU A 78 -2.91 29.46 -10.37
C GLU A 78 -1.73 29.63 -9.43
N GLN A 79 -1.94 29.42 -8.15
CA GLN A 79 -0.89 29.57 -7.16
C GLN A 79 0.19 28.51 -7.31
N GLY A 80 -0.24 27.29 -7.65
CA GLY A 80 0.72 26.21 -7.83
C GLY A 80 1.79 26.59 -8.84
N PRO A 81 1.40 26.89 -10.09
CA PRO A 81 2.36 27.26 -11.14
C PRO A 81 3.26 28.42 -10.75
N MET A 82 2.70 29.41 -10.06
CA MET A 82 3.47 30.57 -9.65
C MET A 82 4.60 30.19 -8.72
N ILE A 83 4.33 29.29 -7.76
CA ILE A 83 5.36 28.88 -6.82
C ILE A 83 6.36 27.95 -7.49
N ALA A 84 5.85 27.01 -8.28
CA ALA A 84 6.70 26.03 -8.97
C ALA A 84 7.74 26.69 -9.88
N SER A 85 7.48 27.91 -10.33
CA SER A 85 8.42 28.60 -11.19
C SER A 85 9.59 29.15 -10.39
N GLN A 86 9.54 28.98 -9.07
CA GLN A 86 10.59 29.48 -8.19
C GLN A 86 11.10 28.44 -7.20
N PHE A 87 10.28 27.44 -6.90
CA PHE A 87 10.70 26.42 -5.96
C PHE A 87 10.18 25.05 -6.30
N ASN A 88 10.79 24.03 -5.70
CA ASN A 88 10.32 22.67 -5.86
C ASN A 88 9.04 22.71 -5.04
N THR A 89 8.02 21.98 -5.46
CA THR A 89 6.78 22.02 -4.70
C THR A 89 6.16 20.66 -4.45
N VAL A 90 5.26 20.63 -3.47
CA VAL A 90 4.51 19.44 -3.10
C VAL A 90 3.12 19.95 -2.74
N ASP A 91 2.08 19.41 -3.37
CA ASP A 91 0.73 19.84 -3.07
C ASP A 91 -0.20 18.65 -2.94
N SER A 92 -1.44 18.90 -2.53
CA SER A 92 -2.40 17.84 -2.37
C SER A 92 -3.63 18.09 -3.23
N PHE A 93 -3.42 18.72 -4.39
CA PHE A 93 -4.52 19.01 -5.31
C PHE A 93 -5.47 17.84 -5.28
N ASP A 94 -6.69 18.06 -4.78
CA ASP A 94 -7.65 16.96 -4.65
C ASP A 94 -8.80 16.85 -5.64
N ASN A 95 -8.81 17.64 -6.70
CA ASN A 95 -9.90 17.51 -7.67
C ASN A 95 -9.49 16.45 -8.69
N HIS A 96 -9.93 15.21 -8.46
CA HIS A 96 -9.59 14.10 -9.34
C HIS A 96 -9.84 14.40 -10.81
N GLY A 97 -11.01 14.92 -11.12
CA GLY A 97 -11.33 15.23 -12.50
C GLY A 97 -10.35 16.17 -13.17
N ARG A 98 -9.82 17.15 -12.43
CA ARG A 98 -8.90 18.10 -13.03
C ARG A 98 -7.42 17.84 -12.82
N ILE A 99 -7.08 16.68 -12.25
CA ILE A 99 -5.68 16.35 -12.02
C ILE A 99 -4.85 16.40 -13.31
N PRO A 100 -5.39 15.86 -14.41
CA PRO A 100 -4.65 15.88 -15.68
C PRO A 100 -4.21 17.30 -16.11
N GLN A 101 -5.09 18.27 -15.94
CA GLN A 101 -4.77 19.65 -16.31
C GLN A 101 -3.73 20.20 -15.36
N HIS A 102 -3.93 19.94 -14.07
CA HIS A 102 -2.98 20.41 -13.06
C HIS A 102 -1.59 19.86 -13.36
N PHE A 103 -1.51 18.55 -13.60
CA PHE A 103 -0.21 17.93 -13.90
C PHE A 103 0.45 18.61 -15.10
N GLU A 104 -0.31 18.78 -16.19
CA GLU A 104 0.22 19.41 -17.39
C GLU A 104 0.82 20.78 -17.11
N ARG A 105 0.05 21.63 -16.43
CA ARG A 105 0.50 22.99 -16.11
C ARG A 105 1.72 23.02 -15.20
N MET A 106 1.67 22.25 -14.11
CA MET A 106 2.79 22.22 -13.19
C MET A 106 4.03 21.63 -13.88
N ASP A 107 3.82 20.64 -14.73
CA ASP A 107 4.93 20.01 -15.42
C ASP A 107 5.66 21.02 -16.30
N GLU A 108 4.91 21.74 -17.12
CA GLU A 108 5.48 22.74 -18.01
C GLU A 108 6.30 23.76 -17.23
N ILE A 109 5.70 24.30 -16.18
CA ILE A 109 6.35 25.30 -15.36
C ILE A 109 7.60 24.82 -14.63
N SER A 110 7.48 23.70 -13.93
CA SER A 110 8.62 23.19 -13.18
C SER A 110 9.75 22.82 -14.12
N LYS A 111 9.41 22.23 -15.26
CA LYS A 111 10.43 21.84 -16.22
C LYS A 111 11.23 23.07 -16.64
N LYS A 112 10.53 24.10 -17.07
CA LYS A 112 11.16 25.33 -17.52
C LYS A 112 12.06 25.96 -16.47
N ALA A 113 11.59 26.00 -15.22
CA ALA A 113 12.36 26.57 -14.13
C ALA A 113 13.41 25.62 -13.59
N GLY A 114 13.37 24.38 -14.06
CA GLY A 114 14.34 23.40 -13.61
C GLY A 114 14.03 22.86 -12.22
N ASN A 115 12.75 22.89 -11.86
CA ASN A 115 12.34 22.39 -10.55
C ASN A 115 11.49 21.13 -10.68
N ILE A 116 11.14 20.54 -9.54
CA ILE A 116 10.30 19.35 -9.53
C ILE A 116 9.07 19.63 -8.68
N SER A 117 7.90 19.25 -9.19
CA SER A 117 6.65 19.48 -8.49
C SER A 117 5.84 18.21 -8.30
N LEU A 118 5.66 17.81 -7.05
CA LEU A 118 4.84 16.63 -6.77
C LEU A 118 3.43 17.12 -6.59
N ILE A 119 2.50 16.62 -7.39
CA ILE A 119 1.10 17.02 -7.27
C ILE A 119 0.25 15.92 -6.68
N SER A 120 -0.87 16.35 -6.12
CA SER A 120 -1.88 15.46 -5.57
C SER A 120 -1.47 14.32 -4.62
N THR A 121 -0.66 14.61 -3.62
CA THR A 121 -0.33 13.56 -2.67
C THR A 121 -1.28 13.77 -1.49
N GLY A 122 -1.26 12.87 -0.52
CA GLY A 122 -2.16 12.97 0.63
C GLY A 122 -2.74 11.57 0.79
N TRP A 123 -3.96 11.42 1.31
CA TRP A 123 -4.45 10.05 1.41
C TRP A 123 -5.34 9.66 0.23
N ASP A 124 -5.99 10.63 -0.41
CA ASP A 124 -6.77 10.37 -1.63
C ASP A 124 -7.14 11.72 -2.23
N PRO A 125 -6.46 12.11 -3.31
CA PRO A 125 -5.38 11.35 -3.97
C PRO A 125 -4.14 11.11 -3.08
N GLY A 126 -3.35 10.10 -3.44
CA GLY A 126 -2.15 9.82 -2.67
C GLY A 126 -2.06 8.36 -2.32
N LEU A 127 -2.14 8.07 -1.02
CA LEU A 127 -2.07 6.70 -0.53
C LEU A 127 -3.11 5.78 -1.16
N PHE A 128 -4.37 6.22 -1.21
CA PHE A 128 -5.39 5.38 -1.80
C PHE A 128 -5.12 5.14 -3.28
N SER A 129 -4.58 6.15 -3.96
CA SER A 129 -4.28 6.04 -5.40
C SER A 129 -3.24 4.93 -5.60
N LEU A 130 -2.21 4.93 -4.75
CA LEU A 130 -1.17 3.92 -4.83
C LEU A 130 -1.75 2.52 -4.64
N ASN A 131 -2.67 2.35 -3.69
CA ASN A 131 -3.24 1.03 -3.48
C ASN A 131 -4.24 0.57 -4.55
N ARG A 132 -4.88 1.51 -5.23
CA ARG A 132 -5.78 1.13 -6.31
C ARG A 132 -4.89 0.58 -7.43
N LEU A 133 -3.78 1.25 -7.67
CA LEU A 133 -2.83 0.82 -8.70
C LEU A 133 -2.25 -0.54 -8.33
N LEU A 134 -1.79 -0.66 -7.09
CA LEU A 134 -1.21 -1.92 -6.63
C LEU A 134 -2.22 -3.05 -6.78
N GLY A 135 -3.43 -2.86 -6.26
CA GLY A 135 -4.44 -3.90 -6.36
C GLY A 135 -4.65 -4.32 -7.81
N GLU A 136 -4.75 -3.33 -8.68
CA GLU A 136 -4.97 -3.55 -10.12
C GLU A 136 -3.85 -4.32 -10.82
N SER A 137 -2.61 -4.06 -10.41
CA SER A 137 -1.46 -4.70 -11.01
C SER A 137 -1.22 -6.12 -10.53
N ILE A 138 -1.42 -6.35 -9.23
CA ILE A 138 -1.19 -7.66 -8.66
C ILE A 138 -2.32 -8.63 -9.01
N LEU A 139 -3.55 -8.12 -9.03
CA LEU A 139 -4.71 -8.94 -9.36
C LEU A 139 -5.45 -8.29 -10.53
N PRO A 140 -4.92 -8.44 -11.75
CA PRO A 140 -5.49 -7.88 -12.97
C PRO A 140 -6.95 -8.27 -13.20
N LYS A 141 -7.32 -9.47 -12.81
CA LYS A 141 -8.72 -9.91 -12.95
C LYS A 141 -9.40 -9.74 -11.60
N GLY A 142 -10.21 -8.70 -11.48
CA GLY A 142 -10.90 -8.46 -10.23
C GLY A 142 -11.50 -7.07 -10.21
N LYS A 143 -11.99 -6.67 -9.04
CA LYS A 143 -12.60 -5.36 -8.89
C LYS A 143 -12.02 -4.58 -7.72
N THR A 144 -11.98 -3.26 -7.90
CA THR A 144 -11.47 -2.36 -6.87
C THR A 144 -12.62 -1.54 -6.30
N HIS A 145 -12.63 -1.41 -4.98
CA HIS A 145 -13.65 -0.62 -4.29
C HIS A 145 -13.00 0.33 -3.30
N THR A 146 -13.27 1.61 -3.46
CA THR A 146 -12.75 2.61 -2.55
C THR A 146 -13.92 3.14 -1.71
N PHE A 147 -13.71 3.21 -0.40
CA PHE A 147 -14.71 3.73 0.51
C PHE A 147 -14.02 4.80 1.34
N TRP A 148 -14.76 5.85 1.70
CA TRP A 148 -14.19 6.90 2.52
C TRP A 148 -14.92 6.85 3.87
N GLY A 149 -14.17 6.38 4.88
CA GLY A 149 -14.68 6.23 6.23
C GLY A 149 -15.49 7.41 6.67
N LYS A 150 -16.13 7.31 7.84
CA LYS A 150 -16.95 8.41 8.32
C LYS A 150 -16.12 9.66 8.57
N GLY A 151 -16.47 10.72 7.87
CA GLY A 151 -15.77 11.98 7.99
C GLY A 151 -16.40 12.99 7.07
N VAL A 152 -15.98 14.25 7.19
CA VAL A 152 -16.51 15.32 6.36
C VAL A 152 -16.01 15.16 4.93
N SER A 153 -16.78 15.70 3.99
CA SER A 153 -16.42 15.64 2.58
C SER A 153 -16.27 17.07 2.08
N LEU A 154 -15.60 17.88 2.89
CA LEU A 154 -15.32 19.30 2.63
C LEU A 154 -16.11 19.97 1.49
N GLY A 155 -15.86 19.54 0.27
CA GLY A 155 -16.55 20.10 -0.87
C GLY A 155 -18.06 20.10 -0.69
N HIS A 156 -18.57 18.98 -0.17
CA HIS A 156 -20.00 18.84 0.05
C HIS A 156 -20.49 19.78 1.13
N SER A 157 -19.58 20.24 1.98
CA SER A 157 -19.94 21.19 3.04
C SER A 157 -20.13 22.55 2.35
N ASP A 158 -19.26 22.85 1.40
CA ASP A 158 -19.35 24.11 0.67
C ASP A 158 -20.60 24.04 -0.21
N ALA A 159 -20.82 22.87 -0.79
CA ALA A 159 -21.97 22.65 -1.66
C ALA A 159 -23.28 23.01 -0.95
N ILE A 160 -23.44 22.55 0.29
CA ILE A 160 -24.65 22.84 1.04
C ILE A 160 -24.68 24.32 1.44
N ARG A 161 -23.52 24.90 1.68
CA ARG A 161 -23.44 26.32 2.06
C ARG A 161 -23.91 27.19 0.90
N ARG A 162 -24.15 26.56 -0.24
CA ARG A 162 -24.62 27.28 -1.43
C ARG A 162 -26.14 27.19 -1.57
N VAL A 163 -26.75 26.26 -0.84
CA VAL A 163 -28.19 26.09 -0.89
C VAL A 163 -28.87 27.35 -0.38
N GLN A 164 -30.01 27.68 -0.98
CA GLN A 164 -30.76 28.86 -0.60
C GLN A 164 -31.28 28.76 0.83
N GLY A 165 -30.87 29.70 1.67
CA GLY A 165 -31.29 29.70 3.06
C GLY A 165 -30.36 29.02 4.05
N VAL A 166 -29.17 28.64 3.59
CA VAL A 166 -28.20 27.98 4.45
C VAL A 166 -27.13 28.93 4.96
N LYS A 167 -27.14 29.17 6.27
CA LYS A 167 -26.17 30.05 6.91
C LYS A 167 -24.80 29.38 6.96
N ASN A 168 -24.79 28.16 7.50
CA ASN A 168 -23.57 27.39 7.64
C ASN A 168 -23.97 25.92 7.84
N GLY A 169 -23.05 25.01 7.63
CA GLY A 169 -23.37 23.59 7.80
C GLY A 169 -22.21 22.66 7.62
N ILE A 170 -22.48 21.35 7.70
CA ILE A 170 -21.45 20.34 7.54
C ILE A 170 -22.10 19.02 7.15
N GLN A 171 -21.42 18.26 6.30
CA GLN A 171 -21.95 16.97 5.86
C GLN A 171 -20.92 15.88 6.13
N TYR A 172 -21.41 14.65 6.30
CA TYR A 172 -20.58 13.50 6.57
C TYR A 172 -20.85 12.40 5.55
N ILE A 173 -19.81 11.67 5.16
CA ILE A 173 -19.98 10.54 4.25
C ILE A 173 -19.69 9.34 5.15
N ILE A 174 -20.52 8.30 5.04
CA ILE A 174 -20.35 7.12 5.87
C ILE A 174 -20.49 5.83 5.07
N PRO A 175 -19.43 5.01 5.05
CA PRO A 175 -19.51 3.76 4.30
C PRO A 175 -20.64 2.89 4.86
N ILE A 176 -21.17 2.01 4.03
CA ILE A 176 -22.22 1.12 4.47
C ILE A 176 -21.60 -0.24 4.78
N LYS A 177 -21.70 -0.66 6.03
CA LYS A 177 -21.13 -1.92 6.50
C LYS A 177 -21.38 -3.08 5.55
N GLY A 178 -22.61 -3.18 5.06
CA GLY A 178 -22.96 -4.25 4.16
C GLY A 178 -22.10 -4.34 2.91
N ALA A 179 -21.87 -3.21 2.26
CA ALA A 179 -21.06 -3.18 1.04
C ALA A 179 -19.61 -3.51 1.38
N LEU A 180 -19.14 -2.97 2.49
CA LEU A 180 -17.77 -3.19 2.93
C LEU A 180 -17.53 -4.69 3.15
N ASP A 181 -18.45 -5.33 3.88
CA ASP A 181 -18.34 -6.76 4.14
C ASP A 181 -18.33 -7.55 2.84
N LYS A 182 -19.24 -7.21 1.93
CA LYS A 182 -19.31 -7.91 0.65
C LYS A 182 -18.00 -7.74 -0.11
N ALA A 183 -17.50 -6.52 -0.16
CA ALA A 183 -16.25 -6.24 -0.86
C ALA A 183 -15.15 -7.14 -0.33
N ARG A 184 -15.05 -7.25 0.99
CA ARG A 184 -14.04 -8.08 1.64
C ARG A 184 -14.25 -9.57 1.45
N SER A 185 -15.48 -9.96 1.12
CA SER A 185 -15.83 -11.37 0.94
C SER A 185 -15.10 -12.02 -0.22
N GLY A 186 -14.68 -11.21 -1.20
CA GLY A 186 -13.97 -11.75 -2.34
C GLY A 186 -14.89 -12.27 -3.43
N GLU A 187 -16.17 -11.92 -3.35
CA GLU A 187 -17.15 -12.37 -4.34
C GLU A 187 -17.14 -11.58 -5.64
N GLN A 188 -16.77 -10.32 -5.58
CA GLN A 188 -16.76 -9.45 -6.75
C GLN A 188 -18.18 -9.14 -7.19
N CYS A 189 -18.46 -7.85 -7.34
CA CYS A 189 -19.79 -7.39 -7.73
C CYS A 189 -19.82 -5.87 -7.77
N ASP A 190 -20.42 -5.31 -8.80
CA ASP A 190 -20.51 -3.86 -8.92
C ASP A 190 -21.47 -3.33 -7.86
N PHE A 191 -21.19 -2.11 -7.40
CA PHE A 191 -22.03 -1.47 -6.40
C PHE A 191 -22.52 -0.15 -6.98
N THR A 192 -23.69 0.29 -6.53
CA THR A 192 -24.19 1.58 -6.98
C THR A 192 -23.66 2.53 -5.92
N THR A 193 -23.55 3.80 -6.26
CA THR A 193 -23.06 4.81 -5.33
C THR A 193 -23.88 4.73 -4.05
N ARG A 194 -25.18 4.49 -4.20
CA ARG A 194 -26.11 4.40 -3.08
C ARG A 194 -25.87 3.17 -2.19
N GLU A 195 -25.29 2.12 -2.75
CA GLU A 195 -25.00 0.91 -1.97
C GLU A 195 -23.73 0.99 -1.15
N LYS A 196 -22.86 1.95 -1.47
CA LYS A 196 -21.58 2.07 -0.78
C LYS A 196 -21.53 3.06 0.39
N HIS A 197 -22.10 4.24 0.21
CA HIS A 197 -22.08 5.26 1.25
C HIS A 197 -23.42 5.94 1.44
N GLU A 198 -23.64 6.49 2.63
CA GLU A 198 -24.83 7.26 2.90
C GLU A 198 -24.28 8.63 3.29
N MET A 199 -25.13 9.65 3.27
CA MET A 199 -24.71 11.00 3.62
C MET A 199 -25.58 11.60 4.73
N VAL A 200 -24.94 12.18 5.73
CA VAL A 200 -25.66 12.82 6.84
C VAL A 200 -25.22 14.27 6.93
N CYS A 201 -26.19 15.18 6.85
CA CYS A 201 -25.91 16.61 6.93
C CYS A 201 -26.43 17.27 8.20
N TYR A 202 -25.76 18.35 8.59
CA TYR A 202 -26.15 19.13 9.75
C TYR A 202 -26.08 20.57 9.26
N VAL A 203 -27.25 21.15 9.07
CA VAL A 203 -27.35 22.51 8.56
C VAL A 203 -27.90 23.50 9.57
N VAL A 204 -27.24 24.66 9.63
CA VAL A 204 -27.66 25.75 10.51
C VAL A 204 -28.39 26.70 9.59
N PRO A 205 -29.73 26.62 9.54
CA PRO A 205 -30.55 27.48 8.69
C PRO A 205 -30.29 28.96 8.85
N GLU A 206 -30.33 29.69 7.73
CA GLU A 206 -30.15 31.13 7.75
C GLU A 206 -31.56 31.62 7.99
N GLU A 207 -32.27 30.85 8.82
CA GLU A 207 -33.66 31.08 9.17
C GLU A 207 -34.16 32.51 9.31
N ASN A 208 -34.32 33.17 8.18
CA ASN A 208 -34.87 34.52 8.16
C ASN A 208 -36.33 34.18 8.41
N ALA A 209 -36.58 32.87 8.27
CA ALA A 209 -37.87 32.20 8.42
C ALA A 209 -37.85 31.27 7.21
N ASP A 210 -36.69 31.21 6.58
CA ASP A 210 -36.45 30.41 5.38
C ASP A 210 -37.05 29.02 5.44
N LEU A 211 -37.60 28.59 4.31
CA LEU A 211 -38.24 27.29 4.18
C LEU A 211 -37.26 26.15 4.44
N LYS A 212 -37.51 25.39 5.49
CA LYS A 212 -36.65 24.27 5.86
C LYS A 212 -36.83 23.10 4.89
N LYS A 213 -38.07 22.85 4.50
CA LYS A 213 -38.34 21.74 3.57
C LYS A 213 -37.61 21.98 2.25
N ILE A 214 -37.55 23.23 1.81
CA ILE A 214 -36.88 23.57 0.56
C ILE A 214 -35.37 23.46 0.76
N GLU A 215 -34.94 23.55 2.02
CA GLU A 215 -33.52 23.44 2.34
C GLU A 215 -33.01 22.10 1.85
N GLN A 216 -33.95 21.19 1.65
CA GLN A 216 -33.60 19.86 1.16
C GLN A 216 -33.40 19.87 -0.35
N ASP A 217 -32.76 20.93 -0.84
CA ASP A 217 -32.41 21.06 -2.25
C ASP A 217 -31.14 20.24 -2.29
N ILE A 218 -30.61 20.01 -1.09
CA ILE A 218 -29.39 19.24 -0.88
C ILE A 218 -29.60 17.82 -1.37
N LYS A 219 -30.70 17.20 -0.94
CA LYS A 219 -31.00 15.84 -1.33
C LYS A 219 -31.06 15.66 -2.85
N THR A 220 -31.80 16.53 -3.52
CA THR A 220 -31.93 16.44 -4.98
C THR A 220 -30.77 17.10 -5.71
N MET A 221 -29.77 17.53 -4.96
CA MET A 221 -28.62 18.18 -5.57
C MET A 221 -27.81 17.21 -6.44
N PRO A 222 -27.73 17.49 -7.75
CA PRO A 222 -26.98 16.63 -8.69
C PRO A 222 -25.54 16.41 -8.24
N ASP A 223 -25.05 15.18 -8.43
CA ASP A 223 -23.69 14.80 -8.05
C ASP A 223 -23.52 14.66 -6.53
N TYR A 224 -23.22 15.79 -5.87
CA TYR A 224 -23.01 15.84 -4.44
C TYR A 224 -23.90 14.89 -3.64
N PHE A 225 -25.21 15.06 -3.75
CA PHE A 225 -26.16 14.21 -3.05
C PHE A 225 -27.10 13.63 -4.11
N ALA A 226 -28.22 13.05 -3.68
CA ALA A 226 -29.20 12.46 -4.60
C ALA A 226 -28.84 11.03 -4.98
N ASP A 227 -27.55 10.79 -5.24
CA ASP A 227 -27.11 9.45 -5.58
C ASP A 227 -26.96 8.65 -4.29
N TYR A 228 -27.05 9.35 -3.17
CA TYR A 228 -26.90 8.71 -1.86
C TYR A 228 -28.12 8.98 -0.98
N ASN A 229 -28.42 8.06 -0.07
CA ASN A 229 -29.51 8.28 0.86
C ASN A 229 -28.94 9.34 1.79
N THR A 230 -29.47 10.55 1.70
CA THR A 230 -28.99 11.68 2.50
C THR A 230 -29.96 12.14 3.60
N THR A 231 -29.46 12.20 4.83
CA THR A 231 -30.25 12.65 5.97
C THR A 231 -29.86 14.10 6.28
N VAL A 232 -30.84 14.92 6.63
CA VAL A 232 -30.57 16.32 6.94
C VAL A 232 -31.07 16.76 8.33
N HIS A 233 -30.12 17.17 9.17
CA HIS A 233 -30.44 17.62 10.53
C HIS A 233 -30.20 19.11 10.63
N PHE A 234 -31.17 19.84 11.18
CA PHE A 234 -31.06 21.28 11.36
C PHE A 234 -30.63 21.56 12.78
N ILE A 235 -29.64 22.42 12.95
CA ILE A 235 -29.13 22.75 14.27
C ILE A 235 -28.70 24.21 14.35
N THR A 236 -28.22 24.62 15.51
CA THR A 236 -27.78 25.99 15.71
C THR A 236 -26.27 26.08 15.56
N GLU A 237 -25.77 27.25 15.17
CA GLU A 237 -24.34 27.45 15.02
C GLU A 237 -23.62 27.04 16.30
N GLU A 238 -24.32 27.10 17.42
CA GLU A 238 -23.75 26.73 18.70
C GLU A 238 -23.50 25.23 18.74
N GLU A 239 -24.47 24.46 18.23
CA GLU A 239 -24.36 23.00 18.20
C GLU A 239 -23.27 22.54 17.25
N LEU A 240 -23.19 23.19 16.10
CA LEU A 240 -22.21 22.85 15.09
C LEU A 240 -20.80 23.06 15.65
N LYS A 241 -20.55 24.27 16.13
CA LYS A 241 -19.26 24.64 16.69
C LYS A 241 -18.77 23.69 17.79
N LEU A 242 -19.68 23.18 18.61
CA LEU A 242 -19.28 22.30 19.70
C LEU A 242 -19.29 20.80 19.41
N ASN A 243 -20.29 20.33 18.67
CA ASN A 243 -20.37 18.90 18.38
C ASN A 243 -19.95 18.47 16.97
N HIS A 244 -19.50 19.40 16.14
CA HIS A 244 -19.12 19.04 14.79
C HIS A 244 -17.76 19.50 14.29
N ALA A 245 -16.71 19.09 14.97
CA ALA A 245 -15.36 19.42 14.54
C ALA A 245 -14.96 18.24 13.68
N GLY A 246 -15.51 18.20 12.47
CA GLY A 246 -15.22 17.10 11.56
C GLY A 246 -13.75 16.93 11.23
N LEU A 247 -12.97 16.49 12.22
CA LEU A 247 -11.54 16.29 12.02
C LEU A 247 -11.19 14.85 11.70
N SER A 248 -11.88 13.90 12.33
CA SER A 248 -11.61 12.49 12.07
C SER A 248 -12.11 12.07 10.70
N ASN A 249 -11.50 11.01 10.17
CA ASN A 249 -11.88 10.49 8.87
C ASN A 249 -11.14 9.16 8.61
N GLY A 250 -11.27 8.64 7.40
CA GLY A 250 -10.62 7.39 7.08
C GLY A 250 -11.14 6.82 5.78
N GLY A 251 -10.83 5.57 5.49
CA GLY A 251 -11.29 4.99 4.25
C GLY A 251 -10.74 3.60 4.02
N PHE A 252 -11.20 2.98 2.94
CA PHE A 252 -10.79 1.63 2.59
C PHE A 252 -10.61 1.50 1.08
N VAL A 253 -9.59 0.76 0.68
CA VAL A 253 -9.37 0.47 -0.73
C VAL A 253 -9.27 -1.03 -0.78
N ILE A 254 -10.28 -1.66 -1.37
CA ILE A 254 -10.30 -3.12 -1.45
C ILE A 254 -10.24 -3.62 -2.88
N ARG A 255 -9.40 -4.63 -3.09
CA ARG A 255 -9.25 -5.25 -4.39
C ARG A 255 -9.63 -6.71 -4.19
N SER A 256 -10.73 -7.12 -4.80
CA SER A 256 -11.19 -8.48 -4.70
C SER A 256 -11.02 -9.07 -6.09
N GLY A 257 -10.14 -10.07 -6.19
CA GLY A 257 -9.91 -10.69 -7.48
C GLY A 257 -9.85 -12.20 -7.42
N ASN A 258 -9.53 -12.78 -8.57
CA ASN A 258 -9.40 -14.22 -8.70
C ASN A 258 -8.18 -14.47 -9.56
N THR A 259 -7.41 -15.49 -9.21
CA THR A 259 -6.24 -15.85 -9.99
C THR A 259 -6.73 -16.95 -10.92
N GLN A 260 -5.97 -17.26 -11.98
CA GLN A 260 -6.40 -18.32 -12.90
C GLN A 260 -6.90 -19.51 -12.11
N GLY A 261 -8.14 -19.90 -12.34
CA GLY A 261 -8.66 -21.05 -11.62
C GLY A 261 -9.79 -20.78 -10.64
N GLY A 262 -10.01 -19.52 -10.29
CA GLY A 262 -11.09 -19.20 -9.38
C GLY A 262 -10.75 -18.97 -7.92
N ALA A 263 -9.47 -19.06 -7.55
CA ALA A 263 -9.08 -18.83 -6.16
C ALA A 263 -9.33 -17.37 -5.74
N LYS A 264 -10.09 -17.19 -4.66
CA LYS A 264 -10.43 -15.87 -4.13
C LYS A 264 -9.25 -15.21 -3.44
N GLN A 265 -8.83 -14.04 -3.94
CA GLN A 265 -7.71 -13.30 -3.37
C GLN A 265 -8.17 -11.88 -3.01
N VAL A 266 -8.02 -11.50 -1.75
CA VAL A 266 -8.43 -10.15 -1.33
C VAL A 266 -7.30 -9.29 -0.75
N MET A 267 -7.19 -8.07 -1.25
CA MET A 267 -6.18 -7.11 -0.80
C MET A 267 -6.91 -5.89 -0.21
N GLU A 268 -6.49 -5.45 0.98
CA GLU A 268 -7.11 -4.28 1.58
C GLU A 268 -6.12 -3.34 2.25
N PHE A 269 -6.38 -2.05 2.07
CA PHE A 269 -5.58 -0.98 2.67
C PHE A 269 -6.62 -0.06 3.27
N ASN A 270 -6.43 0.35 4.51
CA ASN A 270 -7.38 1.27 5.12
C ASN A 270 -6.74 2.24 6.10
N LEU A 271 -7.44 3.34 6.35
CA LEU A 271 -6.97 4.38 7.26
C LEU A 271 -8.04 4.74 8.27
N ASN A 272 -7.64 4.92 9.52
CA ASN A 272 -8.56 5.32 10.59
C ASN A 272 -7.83 6.50 11.21
N LEU A 273 -8.23 7.70 10.84
CA LEU A 273 -7.56 8.92 11.31
C LEU A 273 -8.32 9.78 12.30
N GLU A 274 -7.78 9.96 13.50
CA GLU A 274 -8.42 10.82 14.49
C GLU A 274 -8.33 12.26 13.99
N SER A 275 -7.25 12.57 13.27
CA SER A 275 -7.06 13.89 12.71
C SER A 275 -6.62 13.76 11.27
N SER A 276 -7.61 13.80 10.37
CA SER A 276 -7.38 13.67 8.95
C SER A 276 -6.39 14.70 8.43
N ALA A 277 -6.61 15.96 8.75
CA ALA A 277 -5.72 17.02 8.29
C ALA A 277 -4.26 16.75 8.69
N GLU A 278 -4.04 16.39 9.95
CA GLU A 278 -2.66 16.14 10.41
C GLU A 278 -2.05 14.93 9.73
N PHE A 279 -2.89 13.98 9.30
CA PHE A 279 -2.37 12.81 8.61
C PHE A 279 -1.91 13.26 7.23
N THR A 280 -2.73 14.07 6.57
CA THR A 280 -2.39 14.59 5.26
C THR A 280 -1.06 15.34 5.41
N SER A 281 -0.95 16.11 6.49
CA SER A 281 0.26 16.87 6.77
C SER A 281 1.49 15.97 6.85
N SER A 282 1.34 14.83 7.51
CA SER A 282 2.44 13.88 7.65
C SER A 282 2.81 13.30 6.27
N VAL A 283 1.79 13.02 5.46
CA VAL A 283 2.04 12.46 4.13
C VAL A 283 2.85 13.47 3.31
N LEU A 284 2.42 14.73 3.34
CA LEU A 284 3.11 15.81 2.61
C LEU A 284 4.57 15.94 3.02
N VAL A 285 4.83 15.85 4.32
CA VAL A 285 6.20 15.97 4.80
C VAL A 285 7.07 14.79 4.33
N ALA A 286 6.57 13.57 4.46
CA ALA A 286 7.34 12.42 4.03
C ALA A 286 7.69 12.55 2.55
N TYR A 287 6.70 12.92 1.73
CA TYR A 287 6.95 13.08 0.30
C TYR A 287 7.91 14.22 -0.04
N SER A 288 8.00 15.22 0.83
CA SER A 288 8.91 16.33 0.62
C SER A 288 10.33 15.80 0.67
N ARG A 289 10.54 14.80 1.52
CA ARG A 289 11.86 14.19 1.65
C ARG A 289 12.22 13.55 0.31
N ALA A 290 11.26 12.83 -0.27
CA ALA A 290 11.47 12.16 -1.55
C ALA A 290 11.73 13.17 -2.67
N ILE A 291 11.00 14.28 -2.65
CA ILE A 291 11.18 15.31 -3.67
C ILE A 291 12.55 15.97 -3.51
N TYR A 292 12.98 16.15 -2.27
CA TYR A 292 14.28 16.74 -2.00
C TYR A 292 15.36 15.87 -2.67
N LYS A 293 15.26 14.56 -2.46
CA LYS A 293 16.21 13.61 -3.04
C LYS A 293 16.15 13.59 -4.55
N LEU A 294 14.94 13.54 -5.12
CA LEU A 294 14.81 13.52 -6.56
C LEU A 294 15.40 14.77 -7.19
N SER A 295 15.12 15.91 -6.57
CA SER A 295 15.62 17.18 -7.07
C SER A 295 17.14 17.13 -7.17
N LYS A 296 17.78 16.69 -6.08
CA LYS A 296 19.23 16.60 -6.05
C LYS A 296 19.80 15.67 -7.11
N GLU A 297 18.99 14.73 -7.58
CA GLU A 297 19.44 13.80 -8.60
C GLU A 297 19.29 14.39 -9.99
N GLY A 298 18.68 15.58 -10.06
CA GLY A 298 18.50 16.23 -11.34
C GLY A 298 17.11 16.07 -11.95
N LYS A 299 16.23 15.39 -11.24
CA LYS A 299 14.87 15.19 -11.74
C LYS A 299 14.17 16.54 -11.85
N LYS A 300 13.39 16.71 -12.91
CA LYS A 300 12.67 17.95 -13.13
C LYS A 300 11.31 17.64 -13.74
N GLY A 301 10.34 18.52 -13.53
CA GLY A 301 9.02 18.30 -14.06
C GLY A 301 8.04 17.88 -12.97
N ALA A 302 6.83 17.51 -13.36
CA ALA A 302 5.81 17.10 -12.41
C ALA A 302 5.81 15.59 -12.18
N VAL A 303 5.52 15.20 -10.94
CA VAL A 303 5.46 13.79 -10.58
C VAL A 303 4.28 13.57 -9.65
N THR A 304 3.85 12.32 -9.53
CA THR A 304 2.77 11.95 -8.65
C THR A 304 3.32 10.82 -7.80
N VAL A 305 2.55 10.43 -6.78
CA VAL A 305 2.99 9.35 -5.91
C VAL A 305 3.28 8.06 -6.68
N LEU A 306 2.65 7.89 -7.83
CA LEU A 306 2.85 6.67 -8.61
C LEU A 306 4.25 6.55 -9.19
N ASP A 307 4.96 7.68 -9.30
CA ASP A 307 6.32 7.68 -9.86
C ASP A 307 7.42 7.55 -8.81
N ILE A 308 7.06 7.61 -7.54
CA ILE A 308 8.05 7.58 -6.45
C ILE A 308 8.25 6.28 -5.66
N PRO A 309 9.49 5.73 -5.67
CA PRO A 309 9.77 4.49 -4.94
C PRO A 309 9.60 4.76 -3.45
N PHE A 310 9.05 3.81 -2.71
CA PHE A 310 8.83 4.01 -1.28
C PHE A 310 10.10 4.31 -0.48
N SER A 311 11.25 3.83 -0.96
CA SER A 311 12.50 4.07 -0.25
C SER A 311 12.81 5.57 -0.16
N TYR A 312 12.30 6.35 -1.12
CA TYR A 312 12.56 7.78 -1.11
C TYR A 312 11.89 8.52 0.04
N LEU A 313 10.90 7.88 0.65
CA LEU A 313 10.17 8.48 1.77
C LEU A 313 10.91 8.36 3.11
N SER A 314 11.92 7.50 3.16
CA SER A 314 12.63 7.30 4.43
C SER A 314 14.01 7.93 4.51
N PRO A 315 14.40 8.42 5.69
CA PRO A 315 15.72 9.04 5.90
C PRO A 315 16.79 7.98 6.12
N LYS A 316 16.36 6.71 6.24
CA LYS A 316 17.29 5.61 6.46
C LYS A 316 17.98 5.26 5.14
N THR A 317 19.10 4.55 5.25
CA THR A 317 19.86 4.15 4.07
C THR A 317 19.24 2.90 3.45
N PRO A 318 19.51 2.67 2.15
CA PRO A 318 18.94 1.49 1.47
C PRO A 318 19.30 0.20 2.20
N GLU A 319 20.50 0.15 2.78
CA GLU A 319 20.94 -1.04 3.50
C GLU A 319 20.17 -1.22 4.78
N GLU A 320 19.91 -0.11 5.49
CA GLU A 320 19.18 -0.17 6.74
C GLU A 320 17.76 -0.69 6.49
N LEU A 321 17.14 -0.23 5.41
CA LEU A 321 15.80 -0.65 5.07
C LEU A 321 15.74 -2.14 4.73
N ARG A 322 16.69 -2.62 3.92
CA ARG A 322 16.71 -4.02 3.53
C ARG A 322 16.95 -4.94 4.71
N LYS A 323 17.82 -4.52 5.62
CA LYS A 323 18.12 -5.30 6.79
C LYS A 323 16.97 -5.28 7.78
N GLU A 324 16.32 -4.13 7.90
CA GLU A 324 15.23 -3.98 8.85
C GLU A 324 13.81 -4.33 8.42
N LEU A 325 13.37 -3.78 7.31
CA LEU A 325 11.99 -3.96 6.84
C LEU A 325 11.70 -4.94 5.71
N LEU A 326 12.72 -5.35 4.97
CA LEU A 326 12.47 -6.24 3.86
C LEU A 326 12.08 -7.66 4.27
N SER B 3 4.73 -7.34 -29.98
CA SER B 3 5.78 -7.08 -28.97
C SER B 3 5.26 -7.40 -27.56
N LYS B 4 5.72 -8.51 -27.01
CA LYS B 4 5.31 -8.96 -25.69
C LYS B 4 6.54 -9.17 -24.82
N ILE B 5 6.35 -9.15 -23.51
CA ILE B 5 7.45 -9.39 -22.58
C ILE B 5 7.65 -10.90 -22.56
N ARG B 6 8.83 -11.36 -22.91
CA ARG B 6 9.10 -12.80 -22.95
C ARG B 6 9.53 -13.35 -21.59
N ILE B 7 8.65 -14.14 -20.99
CA ILE B 7 8.93 -14.69 -19.67
C ILE B 7 9.46 -16.11 -19.68
N GLY B 8 10.35 -16.39 -18.73
CA GLY B 8 10.91 -17.71 -18.59
C GLY B 8 10.71 -18.12 -17.13
N ILE B 9 10.27 -19.34 -16.88
CA ILE B 9 10.06 -19.81 -15.53
C ILE B 9 11.08 -20.91 -15.19
N VAL B 10 11.71 -20.79 -14.02
CA VAL B 10 12.67 -21.79 -13.58
C VAL B 10 12.06 -22.51 -12.39
N GLY B 11 11.73 -23.78 -12.57
CA GLY B 11 11.12 -24.55 -11.51
C GLY B 11 9.65 -24.73 -11.84
N TYR B 12 9.14 -25.94 -11.74
CA TYR B 12 7.75 -26.15 -12.07
C TYR B 12 6.97 -26.72 -10.90
N GLY B 13 7.19 -26.13 -9.73
CA GLY B 13 6.48 -26.54 -8.52
C GLY B 13 5.21 -25.72 -8.41
N ASN B 14 4.69 -25.53 -7.21
CA ASN B 14 3.47 -24.76 -7.02
C ASN B 14 3.58 -23.33 -7.54
N ILE B 15 4.68 -22.66 -7.24
CA ILE B 15 4.86 -21.29 -7.68
C ILE B 15 5.05 -21.19 -9.20
N GLY B 16 5.84 -22.10 -9.76
CA GLY B 16 6.06 -22.11 -11.20
C GLY B 16 4.75 -22.32 -11.94
N LYS B 17 3.93 -23.25 -11.46
CA LYS B 17 2.63 -23.49 -12.09
C LYS B 17 1.75 -22.25 -11.96
N GLY B 18 1.82 -21.59 -10.81
CA GLY B 18 1.03 -20.39 -10.59
C GLY B 18 1.46 -19.24 -11.50
N VAL B 19 2.76 -19.15 -11.76
CA VAL B 19 3.28 -18.11 -12.62
C VAL B 19 2.77 -18.31 -14.04
N GLU B 20 2.80 -19.56 -14.52
CA GLU B 20 2.31 -19.87 -15.86
C GLU B 20 0.85 -19.45 -15.98
N LYS B 21 0.08 -19.67 -14.91
CA LYS B 21 -1.32 -19.30 -14.92
C LYS B 21 -1.47 -17.78 -14.95
N ALA B 22 -0.72 -17.11 -14.08
CA ALA B 22 -0.79 -15.65 -13.99
C ALA B 22 -0.45 -14.99 -15.32
N ILE B 23 0.51 -15.56 -16.04
CA ILE B 23 0.89 -14.97 -17.32
C ILE B 23 -0.31 -14.97 -18.26
N LYS B 24 -1.24 -15.90 -18.07
CA LYS B 24 -2.44 -15.96 -18.90
C LYS B 24 -3.38 -14.78 -18.64
N GLN B 25 -3.21 -14.13 -17.49
CA GLN B 25 -4.05 -12.98 -17.14
C GLN B 25 -3.37 -11.67 -17.53
N ASN B 26 -2.22 -11.77 -18.20
CA ASN B 26 -1.47 -10.59 -18.62
C ASN B 26 -1.22 -10.60 -20.13
N ASP B 27 -2.08 -9.91 -20.86
CA ASP B 27 -2.00 -9.84 -22.32
C ASP B 27 -0.69 -9.33 -22.89
N ASP B 28 0.05 -8.53 -22.15
CA ASP B 28 1.32 -8.00 -22.66
C ASP B 28 2.49 -8.96 -22.45
N MET B 29 2.18 -10.17 -21.99
CA MET B 29 3.21 -11.17 -21.73
C MET B 29 2.99 -12.51 -22.41
N GLU B 30 4.09 -13.22 -22.60
CA GLU B 30 4.07 -14.52 -23.24
C GLU B 30 5.10 -15.42 -22.56
N LEU B 31 4.72 -16.67 -22.35
CA LEU B 31 5.61 -17.65 -21.73
C LEU B 31 6.48 -18.28 -22.81
N GLU B 32 7.79 -18.12 -22.68
CA GLU B 32 8.71 -18.69 -23.66
C GLU B 32 9.07 -20.12 -23.31
N ALA B 33 9.39 -20.37 -22.05
CA ALA B 33 9.76 -21.71 -21.64
C ALA B 33 9.71 -21.91 -20.12
N ILE B 34 9.56 -23.17 -19.73
CA ILE B 34 9.51 -23.56 -18.34
C ILE B 34 10.66 -24.54 -18.17
N PHE B 35 11.66 -24.16 -17.38
CA PHE B 35 12.83 -24.99 -17.17
C PHE B 35 12.70 -25.88 -15.94
N THR B 36 12.89 -27.19 -16.14
CA THR B 36 12.79 -28.15 -15.05
C THR B 36 13.95 -29.14 -15.03
N ARG B 37 14.22 -29.69 -13.85
CA ARG B 37 15.29 -30.68 -13.71
C ARG B 37 14.75 -32.06 -14.07
N ARG B 38 13.43 -32.20 -14.09
CA ARG B 38 12.78 -33.47 -14.40
C ARG B 38 13.10 -33.98 -15.82
N ASP B 39 12.94 -35.28 -16.03
CA ASP B 39 13.18 -35.89 -17.33
C ASP B 39 12.04 -35.50 -18.26
N ILE B 40 12.32 -34.60 -19.20
CA ILE B 40 11.32 -34.16 -20.14
C ILE B 40 10.67 -35.33 -20.88
N ASN B 41 11.47 -36.32 -21.27
CA ASN B 41 10.94 -37.49 -21.98
C ASN B 41 9.89 -38.24 -21.17
N LYS B 42 9.97 -38.12 -19.85
CA LYS B 42 9.03 -38.77 -18.95
C LYS B 42 7.72 -38.00 -18.87
N VAL B 43 7.82 -36.71 -18.58
CA VAL B 43 6.64 -35.86 -18.45
C VAL B 43 6.55 -34.82 -19.56
N ASP B 44 5.97 -35.21 -20.69
CA ASP B 44 5.81 -34.30 -21.82
C ASP B 44 4.85 -34.86 -22.86
N SER B 45 4.73 -34.13 -23.97
CA SER B 45 3.87 -34.48 -25.11
C SER B 45 3.27 -33.20 -25.68
N ASN B 46 2.48 -32.51 -24.85
CA ASN B 46 1.84 -31.27 -25.28
C ASN B 46 2.45 -30.09 -24.54
N ASN B 47 3.11 -30.36 -23.41
CA ASN B 47 3.74 -29.31 -22.62
C ASN B 47 4.89 -28.72 -23.43
N SER B 48 4.54 -28.12 -24.57
CA SER B 48 5.50 -27.52 -25.47
C SER B 48 6.51 -26.62 -24.76
N LYS B 49 6.05 -25.95 -23.71
CA LYS B 49 6.89 -25.02 -22.97
C LYS B 49 8.01 -25.64 -22.13
N LEU B 50 7.83 -26.88 -21.68
CA LEU B 50 8.85 -27.52 -20.86
C LEU B 50 10.19 -27.73 -21.56
N VAL B 51 11.26 -27.27 -20.89
CA VAL B 51 12.61 -27.38 -21.40
C VAL B 51 13.53 -27.81 -20.27
N HIS B 52 14.44 -28.73 -20.53
CA HIS B 52 15.34 -29.19 -19.49
C HIS B 52 16.30 -28.09 -19.06
N ILE B 53 16.49 -27.98 -17.75
CA ILE B 53 17.36 -26.97 -17.15
C ILE B 53 18.77 -26.88 -17.75
N SER B 54 19.25 -27.99 -18.31
CA SER B 54 20.59 -28.03 -18.89
C SER B 54 20.69 -27.14 -20.13
N ARG B 55 19.54 -26.81 -20.72
CA ARG B 55 19.52 -25.98 -21.91
C ARG B 55 19.13 -24.54 -21.64
N LEU B 56 19.16 -24.13 -20.38
CA LEU B 56 18.80 -22.75 -20.02
C LEU B 56 19.64 -21.71 -20.75
N GLU B 57 20.96 -21.92 -20.78
CA GLU B 57 21.88 -20.99 -21.43
C GLU B 57 21.56 -20.75 -22.92
N LEU B 58 20.84 -21.67 -23.55
CA LEU B 58 20.48 -21.53 -24.96
C LEU B 58 19.37 -20.52 -25.19
N TYR B 59 18.80 -20.00 -24.11
CA TYR B 59 17.69 -19.05 -24.21
C TYR B 59 18.02 -17.62 -23.77
N LYS B 60 19.30 -17.29 -23.62
CA LYS B 60 19.65 -15.94 -23.18
C LYS B 60 19.23 -14.83 -24.13
N ASP B 61 18.74 -15.19 -25.31
CA ASP B 61 18.30 -14.21 -26.30
C ASP B 61 16.79 -14.26 -26.52
N THR B 62 16.13 -15.23 -25.89
CA THR B 62 14.70 -15.41 -26.04
C THR B 62 13.91 -15.08 -24.77
N VAL B 63 14.63 -14.79 -23.69
CA VAL B 63 13.97 -14.47 -22.42
C VAL B 63 14.35 -13.08 -21.92
N ASP B 64 13.35 -12.25 -21.65
CA ASP B 64 13.61 -10.90 -21.14
C ASP B 64 13.70 -10.94 -19.62
N VAL B 65 12.84 -11.74 -19.00
CA VAL B 65 12.86 -11.85 -17.55
C VAL B 65 12.67 -13.30 -17.14
N MET B 66 13.55 -13.77 -16.27
CA MET B 66 13.50 -15.14 -15.78
C MET B 66 12.94 -15.12 -14.36
N ILE B 67 11.75 -15.69 -14.17
CA ILE B 67 11.16 -15.73 -12.84
C ILE B 67 11.63 -17.01 -12.15
N LEU B 68 12.36 -16.85 -11.05
CA LEU B 68 12.90 -17.98 -10.32
C LEU B 68 11.93 -18.57 -9.32
N CYS B 69 11.42 -19.76 -9.64
CA CYS B 69 10.47 -20.45 -8.79
C CYS B 69 11.09 -21.72 -8.23
N GLY B 70 12.41 -21.65 -8.02
CA GLY B 70 13.17 -22.76 -7.48
C GLY B 70 12.58 -24.12 -7.78
N GLY B 71 11.74 -24.59 -6.87
CA GLY B 71 11.09 -25.88 -7.03
C GLY B 71 10.85 -26.49 -5.66
N SER B 72 11.94 -26.71 -4.94
CA SER B 72 11.94 -27.28 -3.59
C SER B 72 13.17 -28.19 -3.45
N ALA B 73 14.25 -27.82 -4.13
CA ALA B 73 15.49 -28.59 -4.08
C ALA B 73 16.51 -27.87 -3.21
N THR B 74 17.56 -27.37 -3.83
CA THR B 74 18.61 -26.66 -3.12
C THR B 74 18.91 -25.38 -3.89
N ASP B 75 18.73 -25.45 -5.21
CA ASP B 75 18.96 -24.32 -6.09
C ASP B 75 18.05 -23.16 -5.72
N LEU B 76 17.27 -23.33 -4.66
CA LEU B 76 16.34 -22.32 -4.19
C LEU B 76 17.11 -21.23 -3.46
N VAL B 77 18.44 -21.27 -3.57
CA VAL B 77 19.30 -20.30 -2.92
C VAL B 77 20.55 -20.08 -3.77
N GLU B 78 21.10 -21.17 -4.27
CA GLU B 78 22.31 -21.13 -5.10
C GLU B 78 22.04 -21.67 -6.49
N GLN B 79 21.59 -20.78 -7.37
CA GLN B 79 21.29 -21.11 -8.75
C GLN B 79 20.78 -19.80 -9.34
N GLY B 80 20.20 -18.98 -8.47
CA GLY B 80 19.72 -17.67 -8.90
C GLY B 80 20.95 -16.94 -9.39
N PRO B 81 22.03 -16.92 -8.59
CA PRO B 81 23.26 -16.24 -8.99
C PRO B 81 23.75 -16.76 -10.34
N MET B 82 23.41 -18.01 -10.62
CA MET B 82 23.79 -18.65 -11.88
C MET B 82 22.96 -18.05 -13.01
N ILE B 83 21.66 -17.92 -12.77
CA ILE B 83 20.75 -17.35 -13.76
C ILE B 83 21.00 -15.86 -13.97
N ALA B 84 21.30 -15.16 -12.88
CA ALA B 84 21.53 -13.72 -12.94
C ALA B 84 22.66 -13.35 -13.89
N SER B 85 23.66 -14.23 -13.98
CA SER B 85 24.80 -13.99 -14.84
C SER B 85 24.42 -14.04 -16.32
N GLN B 86 23.23 -14.58 -16.60
CA GLN B 86 22.80 -14.70 -17.98
C GLN B 86 21.45 -14.07 -18.29
N PHE B 87 20.68 -13.74 -17.26
CA PHE B 87 19.36 -13.14 -17.48
C PHE B 87 19.03 -12.13 -16.41
N ASN B 88 18.00 -11.33 -16.67
CA ASN B 88 17.51 -10.38 -15.70
C ASN B 88 16.62 -11.31 -14.87
N THR B 89 16.66 -11.24 -13.56
CA THR B 89 15.86 -12.17 -12.79
C THR B 89 14.89 -11.55 -11.79
N VAL B 90 13.98 -12.40 -11.34
CA VAL B 90 12.97 -12.03 -10.34
C VAL B 90 12.85 -13.24 -9.43
N ASP B 91 13.06 -13.04 -8.12
CA ASP B 91 12.95 -14.14 -7.18
C ASP B 91 12.15 -13.73 -5.93
N SER B 92 11.78 -14.72 -5.13
CA SER B 92 11.00 -14.45 -3.92
C SER B 92 11.75 -14.90 -2.67
N PHE B 93 13.08 -14.79 -2.72
CA PHE B 93 13.95 -15.16 -1.60
C PHE B 93 13.30 -14.67 -0.33
N ASP B 94 12.81 -15.59 0.51
CA ASP B 94 12.12 -15.20 1.74
C ASP B 94 12.85 -15.36 3.07
N ASN B 95 14.17 -15.54 3.06
CA ASN B 95 14.89 -15.67 4.32
C ASN B 95 15.34 -14.27 4.73
N HIS B 96 14.46 -13.55 5.42
CA HIS B 96 14.73 -12.18 5.87
C HIS B 96 16.13 -11.97 6.45
N GLY B 97 16.51 -12.85 7.37
CA GLY B 97 17.81 -12.74 8.00
C GLY B 97 19.00 -12.77 7.05
N ARG B 98 18.84 -13.45 5.93
CA ARG B 98 19.92 -13.55 4.96
C ARG B 98 19.71 -12.69 3.72
N ILE B 99 18.73 -11.79 3.76
CA ILE B 99 18.46 -10.93 2.61
C ILE B 99 19.64 -10.03 2.25
N PRO B 100 20.27 -9.39 3.25
CA PRO B 100 21.41 -8.52 2.94
C PRO B 100 22.50 -9.26 2.17
N GLN B 101 22.70 -10.52 2.50
CA GLN B 101 23.72 -11.36 1.86
C GLN B 101 23.33 -11.67 0.43
N HIS B 102 22.08 -12.09 0.24
CA HIS B 102 21.59 -12.44 -1.08
C HIS B 102 21.63 -11.23 -1.99
N PHE B 103 21.37 -10.05 -1.43
CA PHE B 103 21.38 -8.83 -2.21
C PHE B 103 22.77 -8.55 -2.76
N GLU B 104 23.77 -8.63 -1.89
CA GLU B 104 25.15 -8.38 -2.29
C GLU B 104 25.60 -9.35 -3.38
N ARG B 105 25.35 -10.63 -3.16
CA ARG B 105 25.75 -11.65 -4.14
C ARG B 105 25.08 -11.41 -5.48
N MET B 106 23.77 -11.14 -5.46
CA MET B 106 23.04 -10.91 -6.70
C MET B 106 23.41 -9.60 -7.37
N ASP B 107 23.80 -8.61 -6.57
CA ASP B 107 24.17 -7.30 -7.11
C ASP B 107 25.46 -7.42 -7.93
N GLU B 108 26.51 -7.92 -7.29
CA GLU B 108 27.80 -8.09 -7.95
C GLU B 108 27.63 -8.85 -9.26
N ILE B 109 26.90 -9.96 -9.22
CA ILE B 109 26.67 -10.78 -10.40
C ILE B 109 25.89 -10.11 -11.52
N SER B 110 24.76 -9.50 -11.19
CA SER B 110 23.95 -8.85 -12.21
C SER B 110 24.67 -7.66 -12.84
N LYS B 111 25.41 -6.89 -12.03
CA LYS B 111 26.15 -5.75 -12.57
C LYS B 111 27.21 -6.26 -13.54
N LYS B 112 27.96 -7.26 -13.08
CA LYS B 112 29.01 -7.86 -13.89
C LYS B 112 28.48 -8.30 -15.26
N ALA B 113 27.30 -8.93 -15.27
CA ALA B 113 26.70 -9.40 -16.51
C ALA B 113 25.90 -8.33 -17.25
N GLY B 114 25.81 -7.14 -16.66
CA GLY B 114 25.06 -6.07 -17.30
C GLY B 114 23.57 -6.35 -17.24
N ASN B 115 23.14 -7.02 -16.18
CA ASN B 115 21.73 -7.36 -16.00
C ASN B 115 21.17 -6.81 -14.69
N ILE B 116 19.85 -6.92 -14.53
CA ILE B 116 19.18 -6.46 -13.32
C ILE B 116 18.42 -7.62 -12.68
N SER B 117 18.52 -7.72 -11.36
CA SER B 117 17.85 -8.79 -10.63
C SER B 117 16.97 -8.23 -9.51
N LEU B 118 15.71 -8.64 -9.49
CA LEU B 118 14.80 -8.21 -8.43
C LEU B 118 14.80 -9.32 -7.40
N ILE B 119 15.17 -8.97 -6.18
CA ILE B 119 15.24 -9.92 -5.07
C ILE B 119 14.11 -9.75 -4.06
N SER B 120 13.75 -10.85 -3.42
CA SER B 120 12.75 -10.88 -2.37
C SER B 120 11.38 -10.25 -2.62
N THR B 121 10.73 -10.58 -3.73
CA THR B 121 9.39 -10.03 -3.95
C THR B 121 8.36 -11.11 -3.57
N GLY B 122 7.10 -10.74 -3.49
CA GLY B 122 6.04 -11.66 -3.10
C GLY B 122 5.18 -10.89 -2.12
N TRP B 123 4.48 -11.54 -1.18
CA TRP B 123 3.70 -10.75 -0.24
C TRP B 123 4.49 -10.46 1.03
N ASP B 124 5.40 -11.36 1.40
CA ASP B 124 6.28 -11.13 2.54
C ASP B 124 7.45 -12.10 2.52
N PRO B 125 8.64 -11.62 2.11
CA PRO B 125 8.90 -10.23 1.69
C PRO B 125 8.13 -9.78 0.45
N GLY B 126 8.02 -8.47 0.30
CA GLY B 126 7.31 -7.90 -0.85
C GLY B 126 6.34 -6.83 -0.42
N LEU B 127 5.05 -7.10 -0.66
CA LEU B 127 4.00 -6.17 -0.31
C LEU B 127 3.97 -5.78 1.17
N PHE B 128 4.20 -6.74 2.05
CA PHE B 128 4.20 -6.40 3.47
C PHE B 128 5.40 -5.50 3.78
N SER B 129 6.52 -5.76 3.12
CA SER B 129 7.73 -4.96 3.30
C SER B 129 7.42 -3.51 2.93
N LEU B 130 6.83 -3.32 1.75
CA LEU B 130 6.48 -1.99 1.28
C LEU B 130 5.58 -1.29 2.28
N ASN B 131 4.60 -2.00 2.83
CA ASN B 131 3.69 -1.38 3.76
C ASN B 131 4.30 -1.07 5.12
N ARG B 132 5.33 -1.82 5.51
CA ARG B 132 6.01 -1.52 6.78
C ARG B 132 6.75 -0.20 6.54
N LEU B 133 7.43 -0.12 5.40
CA LEU B 133 8.17 1.08 5.05
C LEU B 133 7.25 2.31 4.97
N LEU B 134 6.16 2.17 4.24
CA LEU B 134 5.21 3.28 4.09
C LEU B 134 4.71 3.75 5.47
N GLY B 135 4.36 2.79 6.32
CA GLY B 135 3.86 3.15 7.65
C GLY B 135 4.83 3.94 8.51
N GLU B 136 6.08 3.50 8.60
CA GLU B 136 7.03 4.22 9.44
C GLU B 136 7.52 5.50 8.78
N SER B 137 7.32 5.62 7.46
CA SER B 137 7.72 6.83 6.75
C SER B 137 6.66 7.93 6.93
N ILE B 138 5.40 7.54 6.78
CA ILE B 138 4.28 8.49 6.92
C ILE B 138 4.09 8.87 8.39
N LEU B 139 4.19 7.87 9.27
CA LEU B 139 4.03 8.09 10.71
C LEU B 139 5.30 7.67 11.46
N PRO B 140 6.33 8.52 11.42
CA PRO B 140 7.61 8.28 12.08
C PRO B 140 7.52 8.00 13.58
N LYS B 141 6.48 8.52 14.22
CA LYS B 141 6.28 8.29 15.64
C LYS B 141 5.14 7.30 15.78
N GLY B 142 5.47 6.07 16.15
CA GLY B 142 4.44 5.06 16.30
C GLY B 142 5.04 3.66 16.29
N LYS B 143 4.18 2.65 16.17
CA LYS B 143 4.62 1.27 16.16
C LYS B 143 4.06 0.47 14.98
N THR B 144 4.89 -0.43 14.45
CA THR B 144 4.49 -1.27 13.35
C THR B 144 4.24 -2.69 13.83
N HIS B 145 3.12 -3.26 13.40
CA HIS B 145 2.77 -4.62 13.79
C HIS B 145 2.44 -5.47 12.57
N THR B 146 3.21 -6.52 12.35
CA THR B 146 2.96 -7.43 11.24
C THR B 146 2.45 -8.75 11.82
N PHE B 147 1.30 -9.19 11.34
CA PHE B 147 0.69 -10.45 11.77
C PHE B 147 0.59 -11.32 10.54
N TRP B 148 0.74 -12.62 10.70
CA TRP B 148 0.65 -13.52 9.56
C TRP B 148 -0.64 -14.34 9.73
N GLY B 149 -1.65 -13.94 8.95
CA GLY B 149 -2.97 -14.56 8.96
C GLY B 149 -2.95 -16.06 8.99
N LYS B 150 -4.12 -16.69 9.13
CA LYS B 150 -4.17 -18.14 9.18
C LYS B 150 -3.42 -18.79 8.02
N GLY B 151 -2.40 -19.56 8.35
CA GLY B 151 -1.60 -20.23 7.35
C GLY B 151 -0.77 -21.32 7.99
N VAL B 152 -0.32 -22.27 7.18
CA VAL B 152 0.46 -23.39 7.66
C VAL B 152 1.96 -23.10 7.78
N SER B 153 2.59 -23.72 8.77
CA SER B 153 4.03 -23.60 8.99
C SER B 153 4.51 -25.03 8.79
N LEU B 154 5.03 -25.33 7.60
CA LEU B 154 5.51 -26.67 7.30
C LEU B 154 6.37 -27.22 8.43
N GLY B 155 7.25 -26.36 8.96
CA GLY B 155 8.11 -26.78 10.03
C GLY B 155 7.33 -27.37 11.19
N HIS B 156 6.27 -26.69 11.60
CA HIS B 156 5.44 -27.16 12.70
C HIS B 156 4.66 -28.43 12.38
N SER B 157 4.28 -28.62 11.12
CA SER B 157 3.54 -29.81 10.72
C SER B 157 4.47 -31.03 10.84
N ASP B 158 5.74 -30.84 10.50
CA ASP B 158 6.71 -31.92 10.60
C ASP B 158 6.91 -32.25 12.08
N ALA B 159 6.96 -31.20 12.90
CA ALA B 159 7.14 -31.34 14.33
C ALA B 159 6.01 -32.17 14.93
N ILE B 160 4.78 -31.88 14.53
CA ILE B 160 3.61 -32.61 15.02
C ILE B 160 3.74 -34.10 14.73
N ARG B 161 4.20 -34.42 13.52
CA ARG B 161 4.34 -35.81 13.10
C ARG B 161 5.36 -36.63 13.89
N ARG B 162 6.23 -35.97 14.64
CA ARG B 162 7.23 -36.67 15.44
C ARG B 162 6.70 -37.03 16.82
N VAL B 163 5.50 -36.55 17.14
CA VAL B 163 4.90 -36.84 18.43
C VAL B 163 4.31 -38.24 18.49
N GLN B 164 4.67 -38.97 19.55
CA GLN B 164 4.18 -40.33 19.74
C GLN B 164 2.66 -40.34 19.71
N GLY B 165 2.08 -41.29 18.98
CA GLY B 165 0.64 -41.38 18.90
C GLY B 165 0.02 -40.60 17.76
N VAL B 166 0.83 -39.81 17.06
CA VAL B 166 0.34 -39.00 15.93
C VAL B 166 0.56 -39.67 14.57
N LYS B 167 -0.55 -39.97 13.90
CA LYS B 167 -0.50 -40.59 12.58
C LYS B 167 -0.15 -39.53 11.54
N ASN B 168 -0.94 -38.47 11.53
CA ASN B 168 -0.76 -37.38 10.59
C ASN B 168 -1.38 -36.14 11.22
N GLY B 169 -1.10 -34.98 10.64
CA GLY B 169 -1.66 -33.76 11.17
C GLY B 169 -1.15 -32.51 10.48
N ILE B 170 -1.67 -31.37 10.90
CA ILE B 170 -1.27 -30.10 10.31
C ILE B 170 -1.33 -29.01 11.38
N GLN B 171 -0.55 -27.96 11.17
CA GLN B 171 -0.50 -26.84 12.09
C GLN B 171 -0.80 -25.53 11.38
N TYR B 172 -1.42 -24.61 12.12
CA TYR B 172 -1.75 -23.29 11.61
C TYR B 172 -1.30 -22.27 12.64
N ILE B 173 -0.87 -21.10 12.16
CA ILE B 173 -0.50 -20.00 13.03
C ILE B 173 -1.63 -19.02 12.70
N ILE B 174 -2.21 -18.39 13.72
CA ILE B 174 -3.32 -17.49 13.48
C ILE B 174 -3.24 -16.24 14.33
N PRO B 175 -3.42 -15.06 13.72
CA PRO B 175 -3.37 -13.80 14.47
C PRO B 175 -4.51 -13.81 15.51
N ILE B 176 -4.22 -13.33 16.71
CA ILE B 176 -5.22 -13.27 17.77
C ILE B 176 -6.02 -11.97 17.62
N LYS B 177 -7.33 -12.10 17.48
CA LYS B 177 -8.23 -10.96 17.29
C LYS B 177 -8.01 -9.83 18.29
N GLY B 178 -7.85 -10.19 19.56
CA GLY B 178 -7.63 -9.18 20.58
C GLY B 178 -6.45 -8.28 20.26
N ALA B 179 -5.37 -8.88 19.78
CA ALA B 179 -4.18 -8.10 19.44
C ALA B 179 -4.45 -7.22 18.23
N LEU B 180 -5.19 -7.75 17.26
CA LEU B 180 -5.51 -6.97 16.07
C LEU B 180 -6.37 -5.76 16.45
N ASP B 181 -7.35 -6.00 17.32
CA ASP B 181 -8.23 -4.92 17.76
C ASP B 181 -7.46 -3.83 18.48
N LYS B 182 -6.55 -4.22 19.37
CA LYS B 182 -5.75 -3.25 20.12
C LYS B 182 -4.88 -2.44 19.18
N ALA B 183 -4.16 -3.12 18.30
CA ALA B 183 -3.31 -2.43 17.34
C ALA B 183 -4.16 -1.46 16.51
N ARG B 184 -5.29 -1.95 16.02
CA ARG B 184 -6.21 -1.14 15.22
C ARG B 184 -6.79 0.06 15.93
N SER B 185 -6.80 0.03 17.26
CA SER B 185 -7.32 1.16 18.02
C SER B 185 -6.10 2.09 18.03
N GLY B 186 -6.22 3.26 18.60
CA GLY B 186 -5.07 4.14 18.60
C GLY B 186 -3.98 3.84 19.63
N GLU B 187 -4.34 3.16 20.72
CA GLU B 187 -3.37 2.87 21.77
C GLU B 187 -2.19 2.02 21.31
N GLN B 188 -1.01 2.63 21.26
CA GLN B 188 0.18 1.91 20.84
C GLN B 188 0.78 1.12 22.00
N CYS B 189 1.25 -0.08 21.70
CA CYS B 189 1.83 -0.96 22.69
C CYS B 189 2.68 -2.01 22.01
N ASP B 190 3.52 -2.69 22.80
CA ASP B 190 4.38 -3.73 22.28
C ASP B 190 3.77 -5.05 22.69
N PHE B 191 3.47 -5.90 21.71
CA PHE B 191 2.86 -7.19 21.98
C PHE B 191 3.88 -8.27 22.26
N THR B 192 3.55 -9.16 23.18
CA THR B 192 4.45 -10.27 23.51
C THR B 192 4.17 -11.33 22.45
N THR B 193 5.06 -12.30 22.33
CA THR B 193 4.88 -13.38 21.36
C THR B 193 3.51 -14.02 21.54
N ARG B 194 3.22 -14.38 22.77
CA ARG B 194 1.98 -15.04 23.15
C ARG B 194 0.70 -14.25 22.89
N GLU B 195 0.81 -12.93 22.75
CA GLU B 195 -0.36 -12.10 22.52
C GLU B 195 -0.72 -11.89 21.04
N LYS B 196 0.28 -11.94 20.17
CA LYS B 196 0.06 -11.72 18.72
C LYS B 196 -0.53 -12.88 17.93
N HIS B 197 -0.04 -14.10 18.16
CA HIS B 197 -0.50 -15.27 17.43
C HIS B 197 -0.75 -16.49 18.32
N GLU B 198 -1.69 -17.33 17.89
CA GLU B 198 -2.01 -18.56 18.58
C GLU B 198 -1.77 -19.66 17.56
N MET B 199 -1.67 -20.91 18.00
CA MET B 199 -1.46 -22.01 17.07
C MET B 199 -2.54 -23.07 17.22
N VAL B 200 -3.07 -23.52 16.08
CA VAL B 200 -4.10 -24.54 16.06
C VAL B 200 -3.62 -25.73 15.27
N CYS B 201 -3.71 -26.92 15.87
CA CYS B 201 -3.28 -28.13 15.19
C CYS B 201 -4.49 -29.04 15.00
N TYR B 202 -4.44 -29.81 13.93
CA TYR B 202 -5.47 -30.79 13.63
C TYR B 202 -4.67 -32.07 13.48
N VAL B 203 -4.92 -32.99 14.40
CA VAL B 203 -4.20 -34.23 14.45
C VAL B 203 -5.02 -35.49 14.26
N VAL B 204 -4.42 -36.45 13.54
CA VAL B 204 -5.03 -37.74 13.30
C VAL B 204 -4.20 -38.66 14.20
N PRO B 205 -4.83 -39.22 15.24
CA PRO B 205 -4.12 -40.11 16.17
C PRO B 205 -4.08 -41.57 15.73
N GLU B 206 -3.02 -42.27 16.14
CA GLU B 206 -2.86 -43.69 15.84
C GLU B 206 -3.92 -44.39 16.69
N GLU B 207 -4.24 -45.64 16.37
CA GLU B 207 -5.22 -46.37 17.17
C GLU B 207 -4.70 -46.34 18.60
N ASN B 208 -5.55 -45.90 19.54
CA ASN B 208 -5.19 -45.77 20.95
C ASN B 208 -4.47 -44.42 21.14
N ALA B 209 -3.15 -44.45 21.21
CA ALA B 209 -2.33 -43.24 21.33
C ALA B 209 -2.28 -42.41 22.63
N ASP B 210 -3.44 -42.16 23.26
CA ASP B 210 -3.51 -41.33 24.47
C ASP B 210 -3.59 -39.87 24.00
N LEU B 211 -4.80 -39.42 23.74
CA LEU B 211 -5.07 -38.07 23.25
C LEU B 211 -4.57 -36.93 24.14
N LYS B 212 -4.79 -37.05 25.44
CA LYS B 212 -4.35 -36.02 26.37
C LYS B 212 -2.82 -35.90 26.34
N LYS B 213 -2.12 -37.03 26.21
CA LYS B 213 -0.66 -37.01 26.15
C LYS B 213 -0.14 -36.30 24.90
N ILE B 214 -0.84 -36.51 23.78
CA ILE B 214 -0.44 -35.89 22.53
C ILE B 214 -0.64 -34.39 22.66
N GLU B 215 -1.81 -34.01 23.14
CA GLU B 215 -2.16 -32.62 23.34
C GLU B 215 -1.07 -31.88 24.11
N GLN B 216 -0.60 -32.50 25.20
CA GLN B 216 0.43 -31.89 26.01
C GLN B 216 1.82 -31.96 25.38
N ASP B 217 2.09 -33.03 24.65
CA ASP B 217 3.39 -33.18 23.98
C ASP B 217 3.58 -32.09 22.93
N ILE B 218 2.50 -31.71 22.26
CA ILE B 218 2.56 -30.67 21.25
C ILE B 218 2.64 -29.31 21.91
N LYS B 219 1.69 -29.02 22.80
CA LYS B 219 1.62 -27.74 23.50
C LYS B 219 2.90 -27.34 24.23
N THR B 220 3.57 -28.31 24.85
CA THR B 220 4.80 -28.01 25.59
C THR B 220 6.06 -28.23 24.76
N MET B 221 5.89 -28.40 23.45
CA MET B 221 7.04 -28.62 22.58
C MET B 221 7.86 -27.34 22.47
N PRO B 222 9.13 -27.39 22.91
CA PRO B 222 10.03 -26.25 22.86
C PRO B 222 10.39 -25.80 21.45
N ASP B 223 10.55 -24.49 21.29
CA ASP B 223 10.90 -23.88 20.01
C ASP B 223 9.71 -23.74 19.07
N TYR B 224 8.82 -24.73 19.04
CA TYR B 224 7.67 -24.69 18.16
C TYR B 224 6.37 -24.15 18.76
N PHE B 225 5.89 -24.80 19.82
CA PHE B 225 4.63 -24.41 20.44
C PHE B 225 4.68 -23.84 21.86
N ALA B 226 5.72 -24.18 22.62
CA ALA B 226 5.84 -23.73 24.01
C ALA B 226 5.53 -22.25 24.26
N ASP B 227 5.85 -21.39 23.32
CA ASP B 227 5.62 -19.96 23.52
C ASP B 227 4.24 -19.44 23.12
N TYR B 228 3.41 -20.29 22.51
CA TYR B 228 2.09 -19.86 22.07
C TYR B 228 0.92 -20.63 22.64
N ASN B 229 -0.23 -19.98 22.73
CA ASN B 229 -1.43 -20.67 23.19
C ASN B 229 -1.71 -21.62 22.02
N THR B 230 -1.72 -22.91 22.28
CA THR B 230 -1.94 -23.90 21.24
C THR B 230 -3.16 -24.76 21.50
N THR B 231 -3.97 -24.95 20.47
CA THR B 231 -5.18 -25.76 20.57
C THR B 231 -4.98 -26.98 19.68
N VAL B 232 -5.37 -28.15 20.18
CA VAL B 232 -5.22 -29.38 19.42
C VAL B 232 -6.57 -30.04 19.19
N HIS B 233 -6.94 -30.20 17.93
CA HIS B 233 -8.20 -30.84 17.55
C HIS B 233 -7.86 -32.21 16.95
N PHE B 234 -8.60 -33.24 17.36
CA PHE B 234 -8.38 -34.58 16.85
C PHE B 234 -9.44 -34.89 15.79
N ILE B 235 -8.96 -35.20 14.58
CA ILE B 235 -9.85 -35.49 13.47
C ILE B 235 -9.42 -36.78 12.77
N THR B 236 -10.19 -37.19 11.77
CA THR B 236 -9.87 -38.39 11.01
C THR B 236 -9.01 -38.03 9.81
N GLU B 237 -8.44 -39.05 9.18
CA GLU B 237 -7.60 -38.85 8.00
C GLU B 237 -8.44 -38.21 6.89
N GLU B 238 -9.68 -38.68 6.75
CA GLU B 238 -10.58 -38.16 5.73
C GLU B 238 -10.80 -36.65 5.89
N GLU B 239 -11.05 -36.22 7.12
CA GLU B 239 -11.25 -34.80 7.39
C GLU B 239 -9.98 -34.03 7.09
N LEU B 240 -8.84 -34.62 7.42
CA LEU B 240 -7.56 -33.96 7.16
C LEU B 240 -7.41 -33.66 5.66
N LYS B 241 -7.55 -34.67 4.81
CA LYS B 241 -7.41 -34.45 3.38
C LYS B 241 -8.47 -33.50 2.83
N LEU B 242 -9.70 -33.63 3.31
CA LEU B 242 -10.80 -32.78 2.85
C LEU B 242 -10.73 -31.31 3.27
N ASN B 243 -10.40 -31.05 4.52
CA ASN B 243 -10.42 -29.69 5.02
C ASN B 243 -9.09 -29.01 5.34
N HIS B 244 -7.97 -29.67 5.05
CA HIS B 244 -6.70 -29.05 5.38
C HIS B 244 -5.65 -29.13 4.28
N ALA B 245 -6.04 -28.72 3.08
CA ALA B 245 -5.12 -28.72 1.95
C ALA B 245 -3.96 -27.78 2.30
N GLY B 246 -4.23 -26.83 3.19
CA GLY B 246 -3.21 -25.89 3.62
C GLY B 246 -2.62 -24.98 2.56
N LEU B 247 -3.45 -24.54 1.61
CA LEU B 247 -2.98 -23.69 0.52
C LEU B 247 -3.35 -22.22 0.70
N SER B 248 -4.04 -21.91 1.79
CA SER B 248 -4.46 -20.54 2.06
C SER B 248 -3.58 -19.82 3.07
N ASN B 249 -3.59 -18.49 3.02
CA ASN B 249 -2.79 -17.68 3.94
C ASN B 249 -3.25 -16.23 3.93
N GLY B 250 -2.59 -15.42 4.74
CA GLY B 250 -2.93 -14.03 4.83
C GLY B 250 -2.06 -13.37 5.86
N GLY B 251 -2.42 -12.15 6.25
CA GLY B 251 -1.63 -11.43 7.21
C GLY B 251 -2.04 -9.98 7.28
N PHE B 252 -1.46 -9.26 8.24
CA PHE B 252 -1.77 -7.86 8.45
C PHE B 252 -0.52 -7.05 8.78
N VAL B 253 -0.45 -5.83 8.24
CA VAL B 253 0.63 -4.90 8.56
C VAL B 253 -0.07 -3.65 9.05
N ILE B 254 0.12 -3.32 10.31
CA ILE B 254 -0.52 -2.16 10.90
C ILE B 254 0.45 -1.16 11.51
N ARG B 255 0.25 0.11 11.18
CA ARG B 255 1.10 1.16 11.74
C ARG B 255 0.17 1.98 12.60
N SER B 256 0.47 2.00 13.88
CA SER B 256 -0.31 2.74 14.85
C SER B 256 0.61 3.86 15.31
N GLY B 257 0.23 5.09 14.98
CA GLY B 257 1.06 6.22 15.36
C GLY B 257 0.26 7.36 15.93
N ASN B 258 0.97 8.42 16.27
CA ASN B 258 0.34 9.59 16.83
C ASN B 258 0.95 10.81 16.15
N THR B 259 0.11 11.80 15.90
CA THR B 259 0.57 13.04 15.31
C THR B 259 1.02 13.93 16.47
N GLN B 260 1.85 14.93 16.18
CA GLN B 260 2.30 15.82 17.23
C GLN B 260 1.04 16.34 17.91
N GLY B 261 0.78 15.86 19.12
CA GLY B 261 -0.41 16.28 19.83
C GLY B 261 -1.16 15.11 20.43
N GLY B 262 -0.83 13.90 20.00
CA GLY B 262 -1.48 12.72 20.54
C GLY B 262 -2.67 12.18 19.77
N ALA B 263 -2.90 12.71 18.57
CA ALA B 263 -4.02 12.22 17.76
C ALA B 263 -3.64 10.83 17.24
N LYS B 264 -4.57 9.89 17.33
CA LYS B 264 -4.33 8.52 16.89
C LYS B 264 -4.53 8.36 15.39
N GLN B 265 -3.49 7.89 14.70
CA GLN B 265 -3.56 7.69 13.26
C GLN B 265 -3.18 6.24 13.01
N VAL B 266 -4.05 5.50 12.34
CA VAL B 266 -3.80 4.09 12.08
C VAL B 266 -3.88 3.75 10.60
N MET B 267 -2.87 3.03 10.13
CA MET B 267 -2.79 2.60 8.74
C MET B 267 -2.76 1.08 8.75
N GLU B 268 -3.50 0.46 7.84
CA GLU B 268 -3.52 -0.99 7.78
C GLU B 268 -3.51 -1.53 6.37
N PHE B 269 -2.77 -2.62 6.17
CA PHE B 269 -2.74 -3.31 4.88
C PHE B 269 -2.84 -4.79 5.22
N ASN B 270 -3.75 -5.50 4.58
CA ASN B 270 -3.88 -6.92 4.86
C ASN B 270 -4.22 -7.71 3.61
N LEU B 271 -4.02 -9.01 3.70
CA LEU B 271 -4.28 -9.91 2.58
C LEU B 271 -5.06 -11.12 3.08
N ASN B 272 -5.95 -11.62 2.23
CA ASN B 272 -6.74 -12.79 2.54
C ASN B 272 -6.63 -13.61 1.26
N LEU B 273 -5.74 -14.59 1.28
CA LEU B 273 -5.46 -15.41 0.11
C LEU B 273 -5.96 -16.85 0.18
N GLU B 274 -6.89 -17.18 -0.71
CA GLU B 274 -7.42 -18.54 -0.77
C GLU B 274 -6.29 -19.45 -1.27
N SER B 275 -5.45 -18.90 -2.13
CA SER B 275 -4.32 -19.64 -2.67
C SER B 275 -3.07 -18.78 -2.54
N SER B 276 -2.31 -19.02 -1.47
CA SER B 276 -1.09 -18.28 -1.19
C SER B 276 -0.11 -18.34 -2.36
N ALA B 277 0.13 -19.54 -2.87
CA ALA B 277 1.08 -19.74 -3.97
C ALA B 277 0.74 -18.98 -5.24
N GLU B 278 -0.52 -19.01 -5.64
CA GLU B 278 -0.95 -18.32 -6.85
C GLU B 278 -0.85 -16.80 -6.69
N PHE B 279 -1.05 -16.32 -5.47
CA PHE B 279 -0.96 -14.89 -5.22
C PHE B 279 0.50 -14.47 -5.36
N THR B 280 1.38 -15.24 -4.74
CA THR B 280 2.80 -14.95 -4.81
C THR B 280 3.22 -14.91 -6.28
N SER B 281 2.71 -15.87 -7.05
CA SER B 281 3.00 -15.94 -8.48
C SER B 281 2.54 -14.68 -9.20
N SER B 282 1.34 -14.21 -8.85
CA SER B 282 0.79 -13.00 -9.47
C SER B 282 1.68 -11.80 -9.19
N VAL B 283 2.21 -11.73 -7.97
CA VAL B 283 3.09 -10.63 -7.58
C VAL B 283 4.39 -10.75 -8.39
N LEU B 284 4.88 -11.98 -8.51
CA LEU B 284 6.10 -12.23 -9.27
C LEU B 284 5.96 -11.77 -10.72
N VAL B 285 4.81 -12.04 -11.32
CA VAL B 285 4.58 -11.66 -12.70
C VAL B 285 4.47 -10.14 -12.85
N ALA B 286 3.74 -9.50 -11.94
CA ALA B 286 3.58 -8.05 -12.00
C ALA B 286 4.95 -7.38 -11.93
N TYR B 287 5.80 -7.85 -11.03
CA TYR B 287 7.13 -7.29 -10.90
C TYR B 287 8.03 -7.57 -12.08
N SER B 288 7.70 -8.61 -12.85
CA SER B 288 8.47 -8.92 -14.04
C SER B 288 8.27 -7.81 -15.06
N ARG B 289 7.06 -7.25 -15.10
CA ARG B 289 6.76 -6.16 -16.02
C ARG B 289 7.65 -4.99 -15.64
N ALA B 290 7.79 -4.76 -14.33
CA ALA B 290 8.62 -3.66 -13.81
C ALA B 290 10.10 -3.86 -14.14
N ILE B 291 10.60 -5.08 -13.94
CA ILE B 291 12.00 -5.36 -14.23
C ILE B 291 12.29 -5.20 -15.71
N TYR B 292 11.34 -5.64 -16.55
CA TYR B 292 11.50 -5.50 -17.99
C TYR B 292 11.69 -4.02 -18.34
N LYS B 293 10.76 -3.18 -17.89
CA LYS B 293 10.85 -1.75 -18.16
C LYS B 293 12.17 -1.18 -17.69
N LEU B 294 12.57 -1.53 -16.47
CA LEU B 294 13.82 -1.06 -15.91
C LEU B 294 15.04 -1.54 -16.67
N SER B 295 15.02 -2.80 -17.13
CA SER B 295 16.14 -3.33 -17.88
C SER B 295 16.30 -2.54 -19.17
N LYS B 296 15.17 -2.22 -19.81
CA LYS B 296 15.18 -1.44 -21.05
C LYS B 296 15.70 -0.03 -20.83
N GLU B 297 15.52 0.51 -19.62
CA GLU B 297 15.99 1.86 -19.31
C GLU B 297 17.50 1.79 -19.07
N GLY B 298 18.02 0.59 -18.85
CA GLY B 298 19.44 0.43 -18.63
C GLY B 298 19.83 0.27 -17.18
N LYS B 299 18.87 -0.06 -16.34
CA LYS B 299 19.14 -0.26 -14.92
C LYS B 299 19.93 -1.55 -14.74
N LYS B 300 21.00 -1.48 -13.96
CA LYS B 300 21.85 -2.65 -13.71
C LYS B 300 21.97 -2.94 -12.23
N GLY B 301 22.22 -4.20 -11.89
CA GLY B 301 22.38 -4.56 -10.50
C GLY B 301 21.12 -5.12 -9.86
N ALA B 302 21.19 -5.33 -8.55
CA ALA B 302 20.06 -5.88 -7.81
C ALA B 302 19.18 -4.77 -7.23
N VAL B 303 17.88 -5.03 -7.18
CA VAL B 303 16.92 -4.09 -6.63
C VAL B 303 15.89 -4.87 -5.81
N THR B 304 15.15 -4.15 -4.97
CA THR B 304 14.11 -4.75 -4.16
C THR B 304 12.79 -4.01 -4.47
N VAL B 305 11.68 -4.51 -3.95
CA VAL B 305 10.40 -3.84 -4.19
C VAL B 305 10.43 -2.40 -3.69
N LEU B 306 11.31 -2.11 -2.74
CA LEU B 306 11.43 -0.78 -2.16
C LEU B 306 12.00 0.25 -3.13
N ASP B 307 12.67 -0.21 -4.19
CA ASP B 307 13.27 0.69 -5.18
C ASP B 307 12.38 0.94 -6.39
N ILE B 308 11.28 0.20 -6.51
CA ILE B 308 10.41 0.30 -7.68
C ILE B 308 9.08 1.05 -7.55
N PRO B 309 8.89 2.10 -8.37
CA PRO B 309 7.64 2.88 -8.34
C PRO B 309 6.51 1.97 -8.79
N PHE B 310 5.34 2.12 -8.18
CA PHE B 310 4.20 1.29 -8.52
C PHE B 310 3.79 1.43 -9.99
N SER B 311 4.09 2.57 -10.60
CA SER B 311 3.73 2.78 -11.99
C SER B 311 4.33 1.71 -12.90
N TYR B 312 5.51 1.21 -12.56
CA TYR B 312 6.15 0.17 -13.37
C TYR B 312 5.43 -1.17 -13.37
N LEU B 313 4.53 -1.36 -12.40
CA LEU B 313 3.78 -2.61 -12.28
C LEU B 313 2.58 -2.68 -13.20
N SER B 314 2.25 -1.56 -13.85
CA SER B 314 1.09 -1.51 -14.73
C SER B 314 1.42 -1.41 -16.22
N PRO B 315 0.60 -2.06 -17.06
CA PRO B 315 0.82 -2.03 -18.51
C PRO B 315 0.27 -0.73 -19.11
N LYS B 316 -0.50 0.01 -18.32
CA LYS B 316 -1.09 1.26 -18.76
C LYS B 316 -0.05 2.36 -18.82
N THR B 317 -0.36 3.44 -19.53
CA THR B 317 0.58 4.55 -19.64
C THR B 317 0.40 5.51 -18.47
N PRO B 318 1.41 6.35 -18.21
CA PRO B 318 1.36 7.32 -17.11
C PRO B 318 0.10 8.19 -17.18
N GLU B 319 -0.26 8.64 -18.38
CA GLU B 319 -1.45 9.48 -18.55
C GLU B 319 -2.70 8.75 -18.10
N GLU B 320 -2.87 7.53 -18.60
CA GLU B 320 -4.03 6.72 -18.27
C GLU B 320 -4.19 6.50 -16.76
N LEU B 321 -3.07 6.30 -16.07
CA LEU B 321 -3.10 6.09 -14.62
C LEU B 321 -3.55 7.35 -13.88
N ARG B 322 -2.97 8.49 -14.23
CA ARG B 322 -3.30 9.76 -13.60
C ARG B 322 -4.77 10.15 -13.86
N LYS B 323 -5.32 9.68 -14.97
CA LYS B 323 -6.71 10.02 -15.28
C LYS B 323 -7.70 9.05 -14.63
N GLU B 324 -7.30 7.77 -14.57
CA GLU B 324 -8.14 6.71 -14.02
C GLU B 324 -8.05 6.40 -12.52
N LEU B 325 -6.82 6.32 -12.00
CA LEU B 325 -6.59 5.94 -10.60
C LEU B 325 -6.15 6.97 -9.57
N LEU B 326 -5.48 8.03 -10.00
CA LEU B 326 -4.99 9.01 -9.04
C LEU B 326 -6.12 9.75 -8.33
C API C . -10.82 8.69 -9.75
CA API C . -10.52 8.63 -8.25
C3 API C . -10.53 7.18 -7.76
C4 API C . -11.96 6.63 -7.81
C5 API C . -11.97 5.20 -7.26
C6 API C . -13.41 4.66 -7.24
C7 API C . -13.40 3.23 -6.68
O API C . -12.03 8.85 -10.07
OXT API C . -9.84 8.68 -10.52
O3 API C . -12.35 2.57 -6.81
O4 API C . -14.45 2.85 -6.13
N API C . -11.49 9.45 -7.51
N6 API C . -13.98 4.67 -8.60
#